data_7TZB
#
_entry.id   7TZB
#
_cell.length_a   150.590
_cell.length_b   150.590
_cell.length_c   142.470
_cell.angle_alpha   90.000
_cell.angle_beta   90.000
_cell.angle_gamma   120.000
#
_symmetry.space_group_name_H-M   'H 3'
#
loop_
_entity.id
_entity.type
_entity.pdbx_description
1 polymer 'Serine--tRNA ligase, mitochondrial'
2 non-polymer "5'-O-(N-(L-SERYL)-SULFAMOYL)ADENOSINE"
#
_entity_poly.entity_id   1
_entity_poly.type   'polypeptide(L)'
_entity_poly.pdbx_seq_one_letter_code
;TTEKRNRNLLYEYAREGYSALPQLDIERFCACPEEAAHALELRKGELRSADLPAIISTWQELRQLQEQIRSLEEEKAAVT
EAVRALLANQDSGEVQQDPKYQGLRARGREIRKELVHLYPREAQLEEQFYLQALKLPNQTHPDVPVGDESQARVLHMVGD
KPVFSFQPRGHLEIGEKLDIIRQKRLSHVSGHRSYYLRGAGALLQHGLVNFTFNKLLRRGFTPMTVPDLLRGAVFEGCGM
TPNANPSQIYNIDPARFKDLNLAGTAEVGLAGYFMDHTVAFRDLPVRMVCSSTCYRAETNTGQEPRGLYRVHHFTKVEMF
GVTGPGLEQSSQLLEEFLSLQMEILTELGLHFRVLDMPTQELGLPAYRKFDIEAWMPGRGRFGEVTSASNCTDFQSRRLH
IMFQTEAGELQFAHTVNATACAVPRLLIALLESNQQKDGSVLVPPALQSYLGTDRITAPTHVPLQYIGPNQPRKPGLPGQ
PAVS
;
_entity_poly.pdbx_strand_id   A,B
#
# COMPACT_ATOMS: atom_id res chain seq x y z
N ARG A 5 -14.97 -11.75 -16.09
CA ARG A 5 -14.56 -13.02 -15.43
C ARG A 5 -13.13 -13.37 -15.83
N ASN A 6 -12.95 -14.47 -16.55
CA ASN A 6 -11.58 -14.91 -16.96
C ASN A 6 -11.21 -14.15 -18.23
N ARG A 7 -10.87 -12.86 -18.09
CA ARG A 7 -10.55 -12.02 -19.27
C ARG A 7 -9.12 -11.51 -19.15
N ASN A 8 -8.34 -11.61 -20.23
CA ASN A 8 -6.96 -11.07 -20.21
C ASN A 8 -7.09 -9.56 -20.33
N LEU A 9 -6.57 -8.84 -19.34
CA LEU A 9 -6.66 -7.36 -19.37
C LEU A 9 -5.83 -6.85 -20.56
N LEU A 10 -4.72 -7.53 -20.86
CA LEU A 10 -3.84 -7.07 -21.97
C LEU A 10 -4.62 -7.13 -23.29
N TYR A 11 -5.40 -8.19 -23.53
CA TYR A 11 -6.20 -8.26 -24.78
C TYR A 11 -7.20 -7.11 -24.78
N GLU A 12 -7.82 -6.86 -23.63
CA GLU A 12 -8.84 -5.78 -23.55
C GLU A 12 -8.14 -4.46 -23.86
N TYR A 13 -6.91 -4.30 -23.39
CA TYR A 13 -6.16 -3.06 -23.65
C TYR A 13 -5.93 -2.95 -25.16
N ALA A 14 -5.65 -4.08 -25.82
CA ALA A 14 -5.53 -4.02 -27.29
C ALA A 14 -6.87 -3.64 -27.87
N ARG A 15 -7.95 -4.17 -27.29
CA ARG A 15 -9.30 -3.95 -27.84
C ARG A 15 -9.64 -2.46 -27.81
N GLU A 16 -9.30 -1.76 -26.74
CA GLU A 16 -9.74 -0.34 -26.65
C GLU A 16 -8.68 0.53 -27.28
N GLY A 17 -7.62 -0.11 -27.80
CA GLY A 17 -6.54 0.63 -28.47
C GLY A 17 -5.56 1.20 -27.47
N TYR A 18 -5.75 0.85 -26.20
CA TYR A 18 -4.86 1.35 -25.12
C TYR A 18 -3.44 0.84 -25.39
N SER A 19 -3.31 -0.43 -25.76
CA SER A 19 -1.96 -1.03 -25.97
C SER A 19 -2.02 -1.94 -27.20
N ALA A 20 -0.86 -2.33 -27.73
CA ALA A 20 -0.82 -3.27 -28.86
C ALA A 20 -1.03 -4.70 -28.36
N LEU A 21 -1.28 -5.61 -29.29
CA LEU A 21 -1.48 -7.04 -28.93
C LEU A 21 -0.16 -7.63 -28.43
N PRO A 22 -0.18 -8.51 -27.43
CA PRO A 22 1.04 -9.17 -27.01
C PRO A 22 1.59 -10.02 -28.16
N GLN A 23 2.90 -9.97 -28.39
CA GLN A 23 3.52 -10.84 -29.42
C GLN A 23 3.97 -12.14 -28.74
N LEU A 24 3.95 -13.26 -29.45
CA LEU A 24 4.29 -14.57 -28.82
C LEU A 24 5.21 -15.36 -29.74
N ASP A 25 5.94 -16.32 -29.18
CA ASP A 25 6.85 -17.18 -29.99
C ASP A 25 6.16 -18.53 -30.17
N ILE A 26 4.85 -18.52 -30.43
CA ILE A 26 4.06 -19.78 -30.55
C ILE A 26 4.59 -20.62 -31.71
N GLU A 27 4.99 -19.99 -32.81
CA GLU A 27 5.40 -20.77 -34.01
C GLU A 27 6.55 -21.70 -33.65
N ARG A 28 7.52 -21.22 -32.88
CA ARG A 28 8.69 -22.05 -32.53
C ARG A 28 8.21 -23.24 -31.70
N PHE A 29 7.30 -22.99 -30.76
CA PHE A 29 6.82 -24.07 -29.87
C PHE A 29 6.08 -25.10 -30.74
N CYS A 30 5.29 -24.63 -31.70
CA CYS A 30 4.53 -25.53 -32.61
C CYS A 30 5.51 -26.35 -33.45
N ALA A 31 6.65 -25.78 -33.84
CA ALA A 31 7.59 -26.47 -34.75
C ALA A 31 8.03 -27.80 -34.13
N CYS A 32 8.18 -27.85 -32.81
CA CYS A 32 8.52 -29.13 -32.13
C CYS A 32 7.39 -29.50 -31.18
N PRO A 33 6.28 -30.10 -31.64
CA PRO A 33 5.13 -30.37 -30.78
C PRO A 33 5.40 -31.36 -29.64
N GLU A 34 6.11 -32.46 -29.93
CA GLU A 34 6.41 -33.48 -28.88
C GLU A 34 7.29 -32.82 -27.83
N GLU A 35 8.27 -32.04 -28.27
CA GLU A 35 9.19 -31.35 -27.34
C GLU A 35 8.38 -30.35 -26.51
N ALA A 36 7.46 -29.65 -27.15
CA ALA A 36 6.68 -28.61 -26.44
C ALA A 36 5.87 -29.25 -25.31
N ALA A 37 5.21 -30.36 -25.59
CA ALA A 37 4.34 -30.98 -24.57
C ALA A 37 5.20 -31.45 -23.41
N HIS A 38 6.36 -32.01 -23.72
CA HIS A 38 7.25 -32.53 -22.66
C HIS A 38 7.63 -31.36 -21.74
N ALA A 39 7.97 -30.22 -22.33
CA ALA A 39 8.46 -29.09 -21.51
C ALA A 39 7.38 -28.69 -20.52
N LEU A 40 6.15 -28.56 -21.00
CA LEU A 40 5.08 -28.04 -20.12
C LEU A 40 4.88 -29.01 -18.96
N GLU A 41 4.96 -30.30 -19.24
CA GLU A 41 4.66 -31.24 -18.15
C GLU A 41 5.69 -31.02 -17.06
N LEU A 42 6.93 -30.77 -17.48
CA LEU A 42 8.01 -30.65 -16.47
C LEU A 42 7.64 -29.49 -15.56
N ARG A 43 7.07 -28.44 -16.15
CA ARG A 43 6.65 -27.26 -15.38
C ARG A 43 5.57 -27.64 -14.36
N LYS A 44 4.67 -28.58 -14.70
CA LYS A 44 3.56 -28.95 -13.79
C LYS A 44 2.75 -27.69 -13.56
N GLY A 45 2.64 -26.85 -14.58
CA GLY A 45 1.88 -25.60 -14.47
C GLY A 45 0.40 -25.83 -14.71
N GLU A 46 -0.39 -24.77 -14.60
CA GLU A 46 -1.84 -24.93 -14.73
C GLU A 46 -2.07 -25.54 -16.10
N LEU A 47 -1.39 -25.02 -17.11
CA LEU A 47 -1.55 -25.67 -18.42
C LEU A 47 -0.46 -26.71 -18.52
N ARG A 48 -0.79 -27.95 -18.20
CA ARG A 48 0.17 -29.05 -18.42
C ARG A 48 -0.07 -29.51 -19.84
N SER A 49 0.57 -30.60 -20.26
CA SER A 49 0.46 -31.01 -21.68
C SER A 49 -0.99 -31.25 -22.05
N ALA A 50 -1.81 -31.64 -21.08
CA ALA A 50 -3.21 -31.99 -21.39
C ALA A 50 -3.94 -30.80 -22.00
N ASP A 51 -3.70 -29.59 -21.51
CA ASP A 51 -4.48 -28.44 -22.02
C ASP A 51 -3.86 -27.97 -23.32
N LEU A 52 -2.66 -28.44 -23.64
CA LEU A 52 -1.93 -27.93 -24.84
C LEU A 52 -2.63 -28.19 -26.16
N PRO A 53 -3.17 -29.39 -26.46
CA PRO A 53 -3.70 -29.65 -27.78
C PRO A 53 -4.78 -28.66 -28.22
N ALA A 54 -5.64 -28.25 -27.31
CA ALA A 54 -6.76 -27.36 -27.69
C ALA A 54 -6.21 -26.04 -28.25
N ILE A 55 -5.12 -25.54 -27.67
CA ILE A 55 -4.57 -24.23 -28.10
C ILE A 55 -4.12 -24.32 -29.54
N ILE A 56 -3.50 -25.44 -29.91
CA ILE A 56 -2.97 -25.57 -31.29
C ILE A 56 -4.19 -25.49 -32.20
N SER A 57 -5.26 -26.16 -31.79
CA SER A 57 -6.46 -26.19 -32.66
C SER A 57 -7.01 -24.77 -32.78
N THR A 58 -7.06 -24.04 -31.68
CA THR A 58 -7.67 -22.69 -31.74
C THR A 58 -6.83 -21.86 -32.69
N TRP A 59 -5.52 -22.03 -32.60
CA TRP A 59 -4.62 -21.21 -33.44
C TRP A 59 -4.89 -21.52 -34.90
N GLN A 60 -5.02 -22.81 -35.21
CA GLN A 60 -5.16 -23.16 -36.64
C GLN A 60 -6.43 -22.54 -37.20
N GLU A 61 -7.54 -22.66 -36.47
CA GLU A 61 -8.82 -22.19 -37.02
C GLU A 61 -8.72 -20.68 -37.20
N LEU A 62 -8.06 -20.00 -36.26
CA LEU A 62 -8.03 -18.52 -36.32
C LEU A 62 -7.37 -18.09 -37.63
N ARG A 63 -6.31 -18.77 -38.02
CA ARG A 63 -5.59 -18.33 -39.23
C ARG A 63 -6.53 -18.38 -40.42
N GLN A 64 -7.34 -19.45 -40.51
CA GLN A 64 -8.19 -19.60 -41.72
C GLN A 64 -9.21 -18.48 -41.83
N LEU A 65 -9.84 -18.09 -40.73
CA LEU A 65 -10.93 -17.09 -40.86
C LEU A 65 -10.30 -15.82 -41.39
N GLN A 66 -9.10 -15.54 -40.91
CA GLN A 66 -8.42 -14.30 -41.34
C GLN A 66 -8.20 -14.41 -42.84
N GLU A 67 -7.83 -15.60 -43.30
CA GLU A 67 -7.49 -15.71 -44.74
C GLU A 67 -8.73 -15.35 -45.54
N GLN A 68 -9.86 -15.87 -45.11
CA GLN A 68 -11.10 -15.63 -45.88
C GLN A 68 -11.37 -14.12 -45.84
N ILE A 69 -11.30 -13.51 -44.65
CA ILE A 69 -11.64 -12.07 -44.54
C ILE A 69 -10.70 -11.28 -45.45
N ARG A 70 -9.42 -11.65 -45.46
CA ARG A 70 -8.44 -10.86 -46.25
C ARG A 70 -8.87 -10.93 -47.71
N SER A 71 -9.19 -12.13 -48.19
CA SER A 71 -9.51 -12.27 -49.63
C SER A 71 -10.78 -11.46 -49.93
N LEU A 72 -11.76 -11.52 -49.04
CA LEU A 72 -13.05 -10.83 -49.32
C LEU A 72 -12.80 -9.32 -49.40
N GLU A 73 -11.96 -8.80 -48.51
CA GLU A 73 -11.74 -7.33 -48.50
C GLU A 73 -11.09 -6.93 -49.83
N GLU A 74 -10.15 -7.74 -50.31
CA GLU A 74 -9.45 -7.34 -51.56
C GLU A 74 -10.48 -7.26 -52.67
N GLU A 75 -11.35 -8.27 -52.78
CA GLU A 75 -12.38 -8.28 -53.84
C GLU A 75 -13.35 -7.12 -53.62
N LYS A 76 -13.76 -6.90 -52.37
CA LYS A 76 -14.79 -5.86 -52.10
C LYS A 76 -14.26 -4.48 -52.48
N ALA A 77 -13.04 -4.16 -52.05
CA ALA A 77 -12.50 -2.81 -52.32
C ALA A 77 -12.32 -2.67 -53.83
N ALA A 78 -11.89 -3.73 -54.49
CA ALA A 78 -11.59 -3.64 -55.94
C ALA A 78 -12.83 -3.25 -56.75
N VAL A 79 -13.96 -3.93 -56.54
CA VAL A 79 -15.12 -3.68 -57.43
C VAL A 79 -15.54 -2.22 -57.43
N THR A 80 -15.46 -1.52 -56.30
CA THR A 80 -15.99 -0.14 -56.26
C THR A 80 -15.27 0.73 -57.29
N GLU A 81 -13.95 0.60 -57.38
CA GLU A 81 -13.18 1.41 -58.35
C GLU A 81 -13.61 1.02 -59.76
N ALA A 82 -13.81 -0.27 -60.00
CA ALA A 82 -14.16 -0.74 -61.37
C ALA A 82 -15.48 -0.14 -61.82
N VAL A 83 -16.48 -0.15 -60.93
CA VAL A 83 -17.83 0.40 -61.26
C VAL A 83 -17.66 1.89 -61.54
N ARG A 84 -16.78 2.57 -60.79
CA ARG A 84 -16.70 4.04 -60.95
C ARG A 84 -16.35 4.30 -62.41
N ALA A 85 -15.40 3.54 -62.95
CA ALA A 85 -14.98 3.77 -64.35
C ALA A 85 -16.16 3.45 -65.25
N LEU A 86 -16.89 2.39 -64.96
CA LEU A 86 -17.96 1.95 -65.90
C LEU A 86 -19.02 3.04 -66.05
N LEU A 87 -19.45 3.69 -64.97
CA LEU A 87 -20.55 4.67 -65.17
C LEU A 87 -20.06 5.83 -66.04
N ALA A 88 -18.89 6.36 -65.76
CA ALA A 88 -18.35 7.44 -66.59
C ALA A 88 -17.99 6.91 -67.98
N ASN A 89 -17.31 5.76 -68.06
CA ASN A 89 -16.83 5.22 -69.36
C ASN A 89 -18.00 4.80 -70.24
N GLN A 90 -19.03 4.17 -69.65
CA GLN A 90 -20.25 3.82 -70.43
C GLN A 90 -20.91 5.14 -70.85
N ASP A 91 -20.87 6.16 -69.99
CA ASP A 91 -21.44 7.48 -70.34
C ASP A 91 -22.92 7.34 -70.68
N GLU A 94 -28.90 4.94 -69.71
CA GLU A 94 -28.56 3.50 -69.65
C GLU A 94 -27.49 3.31 -68.58
N VAL A 95 -27.61 4.04 -67.48
CA VAL A 95 -26.53 3.99 -66.45
C VAL A 95 -26.44 2.60 -65.83
N GLN A 96 -27.56 2.01 -65.46
CA GLN A 96 -27.52 0.71 -64.73
C GLN A 96 -27.98 -0.43 -65.61
N GLN A 97 -28.22 -0.19 -66.90
CA GLN A 97 -28.79 -1.24 -67.77
C GLN A 97 -27.87 -2.43 -67.89
N ASP A 98 -26.57 -2.21 -68.08
CA ASP A 98 -25.66 -3.36 -68.33
C ASP A 98 -25.74 -4.26 -67.10
N PRO A 99 -26.05 -5.55 -67.25
CA PRO A 99 -26.25 -6.41 -66.09
C PRO A 99 -24.89 -6.59 -65.39
N LYS A 100 -23.80 -6.31 -66.10
CA LYS A 100 -22.49 -6.40 -65.42
C LYS A 100 -22.54 -5.39 -64.27
N TYR A 101 -22.95 -4.15 -64.54
CA TYR A 101 -23.07 -3.16 -63.45
C TYR A 101 -23.90 -3.80 -62.36
N GLN A 102 -25.04 -4.37 -62.74
CA GLN A 102 -25.96 -4.92 -61.73
C GLN A 102 -25.26 -6.05 -60.97
N GLY A 103 -24.54 -6.90 -61.70
CA GLY A 103 -23.88 -8.05 -61.06
C GLY A 103 -22.84 -7.57 -60.08
N LEU A 104 -22.11 -6.51 -60.43
CA LEU A 104 -21.00 -6.04 -59.58
C LEU A 104 -21.55 -5.62 -58.22
N ARG A 105 -22.62 -4.82 -58.23
CA ARG A 105 -23.24 -4.35 -56.96
C ARG A 105 -23.61 -5.59 -56.15
N ALA A 106 -24.17 -6.61 -56.82
CA ALA A 106 -24.64 -7.82 -56.10
C ALA A 106 -23.45 -8.50 -55.43
N ARG A 107 -22.31 -8.56 -56.12
CA ARG A 107 -21.13 -9.27 -55.55
C ARG A 107 -20.72 -8.53 -54.27
N GLY A 108 -20.72 -7.20 -54.31
CA GLY A 108 -20.29 -6.44 -53.13
C GLY A 108 -21.22 -6.71 -51.97
N ARG A 109 -22.52 -6.72 -52.23
CA ARG A 109 -23.48 -6.90 -51.11
C ARG A 109 -23.30 -8.28 -50.51
N GLU A 110 -23.15 -9.32 -51.33
CA GLU A 110 -23.07 -10.68 -50.75
C GLU A 110 -21.79 -10.83 -49.93
N ILE A 111 -20.67 -10.31 -50.42
CA ILE A 111 -19.41 -10.36 -49.62
C ILE A 111 -19.54 -9.48 -48.38
N ARG A 112 -20.21 -8.35 -48.50
CA ARG A 112 -20.42 -7.47 -47.33
C ARG A 112 -21.21 -8.27 -46.29
N LYS A 113 -22.24 -8.99 -46.76
CA LYS A 113 -23.06 -9.81 -45.84
C LYS A 113 -22.17 -10.88 -45.23
N GLU A 114 -21.32 -11.50 -46.04
CA GLU A 114 -20.46 -12.60 -45.52
C GLU A 114 -19.51 -12.01 -44.49
N LEU A 115 -18.95 -10.84 -44.78
CA LEU A 115 -17.99 -10.19 -43.85
C LEU A 115 -18.72 -9.84 -42.55
N VAL A 116 -19.94 -9.34 -42.65
CA VAL A 116 -20.64 -8.89 -41.41
C VAL A 116 -20.75 -10.12 -40.51
N HIS A 117 -21.09 -11.27 -41.08
CA HIS A 117 -21.12 -12.52 -40.27
C HIS A 117 -19.70 -12.91 -39.84
N LEU A 118 -18.71 -12.77 -40.72
CA LEU A 118 -17.33 -13.22 -40.43
C LEU A 118 -16.63 -12.40 -39.34
N TYR A 119 -16.83 -11.08 -39.30
CA TYR A 119 -16.06 -10.23 -38.36
C TYR A 119 -16.27 -10.63 -36.90
N PRO A 120 -17.49 -10.88 -36.38
CA PRO A 120 -17.65 -11.22 -34.97
C PRO A 120 -16.89 -12.51 -34.64
N ARG A 121 -16.92 -13.46 -35.57
CA ARG A 121 -16.24 -14.76 -35.30
C ARG A 121 -14.74 -14.52 -35.14
N GLU A 122 -14.16 -13.62 -35.92
CA GLU A 122 -12.71 -13.30 -35.79
C GLU A 122 -12.45 -12.77 -34.38
N ALA A 123 -13.30 -11.85 -33.92
CA ALA A 123 -13.04 -11.25 -32.60
C ALA A 123 -13.13 -12.32 -31.52
N GLN A 124 -14.13 -13.19 -31.61
CA GLN A 124 -14.31 -14.20 -30.54
C GLN A 124 -13.08 -15.10 -30.53
N LEU A 125 -12.61 -15.49 -31.70
CA LEU A 125 -11.48 -16.43 -31.75
C LEU A 125 -10.20 -15.72 -31.29
N GLU A 126 -10.01 -14.46 -31.70
CA GLU A 126 -8.75 -13.78 -31.35
C GLU A 126 -8.73 -13.76 -29.83
N GLU A 127 -9.87 -13.45 -29.23
CA GLU A 127 -9.91 -13.36 -27.77
C GLU A 127 -9.57 -14.74 -27.21
N GLN A 128 -10.14 -15.79 -27.79
CA GLN A 128 -9.95 -17.14 -27.23
C GLN A 128 -8.48 -17.55 -27.31
N PHE A 129 -7.85 -17.40 -28.48
CA PHE A 129 -6.45 -17.88 -28.62
C PHE A 129 -5.56 -17.11 -27.66
N TYR A 130 -5.78 -15.80 -27.57
CA TYR A 130 -4.90 -14.96 -26.71
C TYR A 130 -5.02 -15.40 -25.25
N LEU A 131 -6.24 -15.73 -24.79
CA LEU A 131 -6.42 -16.08 -23.37
C LEU A 131 -5.60 -17.34 -23.06
N GLN A 132 -5.70 -18.34 -23.93
CA GLN A 132 -4.94 -19.59 -23.73
C GLN A 132 -3.44 -19.30 -23.83
N ALA A 133 -3.06 -18.46 -24.79
CA ALA A 133 -1.63 -18.10 -24.99
C ALA A 133 -1.09 -17.35 -23.78
N LEU A 134 -1.92 -16.53 -23.13
CA LEU A 134 -1.47 -15.72 -21.97
C LEU A 134 -0.96 -16.68 -20.90
N LYS A 135 -1.54 -17.88 -20.84
CA LYS A 135 -1.14 -18.86 -19.78
C LYS A 135 0.04 -19.69 -20.25
N LEU A 136 0.58 -19.42 -21.44
CA LEU A 136 1.68 -20.28 -21.99
C LEU A 136 2.98 -19.97 -21.24
N PRO A 137 3.68 -20.99 -20.70
CA PRO A 137 4.89 -20.78 -19.92
C PRO A 137 6.14 -20.38 -20.72
N ASN A 138 7.10 -19.76 -20.05
CA ASN A 138 8.39 -19.37 -20.70
C ASN A 138 9.21 -20.64 -20.90
N GLN A 139 10.21 -20.59 -21.79
CA GLN A 139 11.06 -21.77 -22.06
C GLN A 139 11.97 -22.02 -20.85
N THR A 140 12.55 -23.21 -20.74
CA THR A 140 13.40 -23.56 -19.58
C THR A 140 14.87 -23.70 -20.00
N HIS A 141 15.78 -23.07 -19.27
CA HIS A 141 17.24 -23.15 -19.57
C HIS A 141 17.70 -24.62 -19.55
N PRO A 142 18.57 -25.12 -20.47
CA PRO A 142 18.90 -26.53 -20.47
C PRO A 142 19.44 -27.07 -19.16
N ASP A 143 20.20 -26.28 -18.42
CA ASP A 143 20.83 -26.79 -17.18
C ASP A 143 19.82 -26.81 -16.03
N VAL A 144 18.60 -26.31 -16.25
CA VAL A 144 17.67 -26.23 -15.10
C VAL A 144 17.33 -27.63 -14.61
N PRO A 145 17.42 -27.89 -13.29
CA PRO A 145 17.05 -29.18 -12.77
C PRO A 145 15.56 -29.41 -13.03
N VAL A 146 15.18 -30.66 -13.30
CA VAL A 146 13.75 -30.93 -13.68
C VAL A 146 13.07 -31.64 -12.52
N GLY A 147 11.90 -31.15 -12.10
CA GLY A 147 11.19 -31.86 -11.04
C GLY A 147 10.67 -30.96 -9.95
N ASP A 148 10.36 -31.55 -8.80
CA ASP A 148 9.77 -30.77 -7.68
C ASP A 148 10.86 -30.07 -6.91
N GLU A 149 10.49 -29.39 -5.81
CA GLU A 149 11.47 -28.57 -5.07
C GLU A 149 12.64 -29.45 -4.65
N SER A 150 12.36 -30.71 -4.35
CA SER A 150 13.43 -31.63 -3.87
C SER A 150 14.49 -31.74 -4.94
N GLN A 151 14.09 -31.74 -6.20
CA GLN A 151 15.07 -31.97 -7.30
C GLN A 151 16.00 -30.77 -7.46
N ALA A 152 15.71 -29.64 -6.83
CA ALA A 152 16.53 -28.42 -7.05
C ALA A 152 17.99 -28.67 -6.69
N ARG A 153 18.93 -28.18 -7.50
CA ARG A 153 20.39 -28.39 -7.27
C ARG A 153 20.95 -27.38 -6.27
N VAL A 154 21.94 -27.76 -5.45
CA VAL A 154 22.59 -26.78 -4.53
C VAL A 154 23.94 -26.40 -5.13
N LEU A 155 24.01 -25.27 -5.83
CA LEU A 155 25.27 -24.88 -6.51
C LEU A 155 26.40 -24.45 -5.56
N HIS A 156 26.13 -23.59 -4.58
CA HIS A 156 27.22 -23.07 -3.70
C HIS A 156 26.71 -22.91 -2.26
N MET A 157 27.50 -23.32 -1.26
CA MET A 157 27.13 -23.12 0.17
C MET A 157 28.22 -22.31 0.84
N VAL A 158 27.84 -21.29 1.61
CA VAL A 158 28.83 -20.40 2.28
C VAL A 158 28.49 -20.31 3.77
N GLY A 159 29.51 -20.23 4.63
CA GLY A 159 29.27 -20.04 6.08
C GLY A 159 29.16 -21.34 6.84
N ASP A 160 29.12 -21.25 8.18
CA ASP A 160 29.01 -22.45 9.04
C ASP A 160 27.86 -22.22 10.02
N LYS A 161 27.15 -23.28 10.40
CA LYS A 161 25.98 -23.10 11.29
C LYS A 161 26.49 -22.54 12.62
N PRO A 162 25.84 -21.51 13.19
CA PRO A 162 26.25 -21.00 14.48
C PRO A 162 26.07 -22.14 15.49
N VAL A 163 27.08 -22.34 16.35
CA VAL A 163 26.99 -23.41 17.38
C VAL A 163 26.51 -22.75 18.68
N PHE A 164 25.46 -23.32 19.30
CA PHE A 164 24.88 -22.66 20.49
C PHE A 164 24.92 -23.56 21.72
N SER A 165 25.37 -23.03 22.85
CA SER A 165 25.31 -23.81 24.12
C SER A 165 23.86 -24.08 24.47
N PHE A 166 23.01 -23.06 24.37
CA PHE A 166 21.59 -23.20 24.75
C PHE A 166 20.80 -23.64 23.52
N GLN A 167 19.58 -24.13 23.72
CA GLN A 167 18.75 -24.41 22.53
C GLN A 167 18.28 -23.03 22.09
N PRO A 168 18.58 -22.59 20.85
CA PRO A 168 18.27 -21.23 20.45
C PRO A 168 16.78 -20.90 20.46
N ARG A 169 16.44 -19.67 20.84
CA ARG A 169 15.03 -19.25 20.90
C ARG A 169 14.59 -18.73 19.52
N GLY A 170 13.28 -18.67 19.29
CA GLY A 170 12.73 -18.21 18.00
C GLY A 170 12.72 -16.71 17.84
N HIS A 171 12.66 -16.24 16.59
CA HIS A 171 12.69 -14.79 16.29
C HIS A 171 11.60 -14.05 17.04
N LEU A 172 10.35 -14.51 16.97
CA LEU A 172 9.24 -13.75 17.59
C LEU A 172 9.48 -13.68 19.10
N GLU A 173 9.90 -14.78 19.71
CA GLU A 173 10.06 -14.77 21.18
C GLU A 173 11.13 -13.75 21.54
N ILE A 174 12.25 -13.77 20.82
CA ILE A 174 13.37 -12.85 21.18
C ILE A 174 12.84 -11.43 20.99
N GLY A 175 12.13 -11.20 19.89
CA GLY A 175 11.68 -9.83 19.59
C GLY A 175 10.71 -9.32 20.64
N GLU A 176 9.72 -10.13 21.02
CA GLU A 176 8.69 -9.66 21.98
C GLU A 176 9.35 -9.43 23.34
N LYS A 177 10.33 -10.27 23.69
CA LYS A 177 11.06 -10.10 24.97
C LYS A 177 11.80 -8.76 24.94
N LEU A 178 12.35 -8.39 23.80
CA LEU A 178 13.05 -7.09 23.66
C LEU A 178 12.03 -6.03 23.25
N ASP A 179 10.78 -6.43 23.07
CA ASP A 179 9.71 -5.49 22.61
C ASP A 179 10.21 -4.80 21.35
N ILE A 180 10.75 -5.56 20.40
CA ILE A 180 11.17 -4.97 19.10
C ILE A 180 10.25 -5.51 18.01
N ILE A 181 9.49 -6.56 18.30
CA ILE A 181 8.49 -7.09 17.33
C ILE A 181 7.17 -7.29 18.06
N ARG A 182 6.06 -6.83 17.51
CA ARG A 182 4.74 -7.14 18.12
C ARG A 182 3.90 -7.86 17.08
N GLN A 183 3.42 -9.06 17.38
CA GLN A 183 2.49 -9.77 16.47
C GLN A 183 1.30 -10.21 17.31
N LYS A 184 1.08 -9.56 18.45
CA LYS A 184 0.02 -10.06 19.36
C LYS A 184 -1.05 -9.01 19.62
N ARG A 185 -2.30 -9.45 19.81
CA ARG A 185 -3.44 -8.52 19.97
C ARG A 185 -3.55 -7.65 18.73
N LEU A 186 -3.30 -8.22 17.55
CA LEU A 186 -3.32 -7.42 16.30
C LEU A 186 -4.46 -7.89 15.39
N SER A 187 -5.30 -8.80 15.86
CA SER A 187 -6.37 -9.39 15.00
C SER A 187 -7.41 -8.36 14.57
N HIS A 188 -7.81 -7.48 15.46
CA HIS A 188 -8.90 -6.55 15.11
C HIS A 188 -8.34 -5.17 14.77
N VAL A 189 -7.02 -5.06 14.64
CA VAL A 189 -6.41 -3.77 14.22
C VAL A 189 -5.74 -3.91 12.85
N SER A 190 -4.92 -4.91 12.66
CA SER A 190 -4.19 -4.99 11.38
C SER A 190 -4.43 -6.33 10.71
N GLY A 191 -4.83 -7.32 11.50
CA GLY A 191 -5.17 -8.62 10.91
C GLY A 191 -4.23 -9.70 11.33
N HIS A 192 -4.48 -10.92 10.87
CA HIS A 192 -3.59 -12.07 11.18
C HIS A 192 -2.30 -11.85 10.39
N ARG A 193 -1.17 -12.33 10.91
CA ARG A 193 0.12 -12.20 10.19
C ARG A 193 0.41 -10.72 9.92
N SER A 194 0.17 -9.86 10.89
CA SER A 194 0.51 -8.42 10.75
C SER A 194 1.57 -8.11 11.82
N TYR A 195 2.56 -7.27 11.50
CA TYR A 195 3.66 -7.07 12.47
C TYR A 195 3.97 -5.59 12.71
N TYR A 196 4.34 -5.25 13.94
CA TYR A 196 4.79 -3.87 14.24
C TYR A 196 6.23 -4.01 14.69
N LEU A 197 7.16 -3.24 14.12
CA LEU A 197 8.59 -3.40 14.49
C LEU A 197 8.97 -2.19 15.33
N ARG A 198 9.53 -2.43 16.52
CA ARG A 198 9.79 -1.31 17.44
C ARG A 198 11.28 -1.10 17.68
N GLY A 199 11.70 0.15 17.81
CA GLY A 199 13.10 0.45 18.18
C GLY A 199 14.10 -0.19 17.26
N ALA A 200 14.89 -1.08 17.82
CA ALA A 200 15.97 -1.71 17.04
C ALA A 200 15.36 -2.42 15.85
N GLY A 201 14.20 -3.03 16.00
CA GLY A 201 13.65 -3.78 14.87
C GLY A 201 13.42 -2.82 13.74
N ALA A 202 12.88 -1.66 14.06
CA ALA A 202 12.66 -0.64 13.02
C ALA A 202 14.00 -0.19 12.47
N LEU A 203 14.96 0.06 13.35
CA LEU A 203 16.30 0.51 12.93
C LEU A 203 16.92 -0.60 12.09
N LEU A 204 16.72 -1.85 12.48
CA LEU A 204 17.34 -2.96 11.76
C LEU A 204 16.81 -2.95 10.32
N GLN A 205 15.50 -2.78 10.16
CA GLN A 205 14.94 -2.74 8.80
C GLN A 205 15.54 -1.54 8.09
N HIS A 206 15.46 -0.36 8.70
CA HIS A 206 15.96 0.86 8.00
C HIS A 206 17.42 0.65 7.64
N GLY A 207 18.20 0.10 8.56
CA GLY A 207 19.63 -0.11 8.31
C GLY A 207 19.86 -1.08 7.17
N LEU A 208 19.11 -2.17 7.16
CA LEU A 208 19.30 -3.20 6.11
C LEU A 208 18.97 -2.58 4.76
N VAL A 209 17.87 -1.84 4.69
CA VAL A 209 17.43 -1.24 3.39
C VAL A 209 18.47 -0.21 2.96
N ASN A 210 18.90 0.64 3.89
CA ASN A 210 19.86 1.71 3.54
C ASN A 210 21.20 1.10 3.11
N PHE A 211 21.63 0.04 3.80
CA PHE A 211 22.91 -0.62 3.47
C PHE A 211 22.84 -1.18 2.06
N THR A 212 21.76 -1.91 1.75
CA THR A 212 21.62 -2.55 0.42
C THR A 212 21.48 -1.46 -0.64
N PHE A 213 20.69 -0.44 -0.34
CA PHE A 213 20.45 0.62 -1.36
C PHE A 213 21.78 1.29 -1.67
N ASN A 214 22.56 1.60 -0.63
CA ASN A 214 23.85 2.32 -0.85
C ASN A 214 24.81 1.42 -1.63
N LYS A 215 24.87 0.15 -1.28
CA LYS A 215 25.83 -0.76 -1.95
C LYS A 215 25.48 -0.84 -3.42
N LEU A 216 24.20 -0.99 -3.74
CA LEU A 216 23.79 -1.17 -5.16
C LEU A 216 23.95 0.17 -5.87
N LEU A 217 23.62 1.26 -5.19
CA LEU A 217 23.68 2.57 -5.86
C LEU A 217 25.14 2.80 -6.24
N ARG A 218 26.06 2.41 -5.38
CA ARG A 218 27.50 2.59 -5.64
C ARG A 218 27.91 1.71 -6.82
N ARG A 219 27.28 0.54 -6.96
CA ARG A 219 27.69 -0.41 -8.03
C ARG A 219 26.98 -0.06 -9.32
N GLY A 220 26.36 1.11 -9.40
CA GLY A 220 25.80 1.58 -10.67
C GLY A 220 24.33 1.33 -10.86
N PHE A 221 23.64 0.85 -9.82
CA PHE A 221 22.17 0.71 -9.95
C PHE A 221 21.55 2.10 -9.95
N THR A 222 20.54 2.30 -10.80
CA THR A 222 19.88 3.61 -10.92
C THR A 222 18.69 3.60 -9.97
N PRO A 223 18.55 4.59 -9.09
CA PRO A 223 17.50 4.55 -8.12
C PRO A 223 16.13 5.02 -8.61
N MET A 224 15.07 4.33 -8.20
CA MET A 224 13.71 4.67 -8.69
C MET A 224 12.65 4.48 -7.60
N THR A 225 11.53 5.20 -7.70
CA THR A 225 10.38 5.07 -6.75
C THR A 225 9.17 4.61 -7.56
N VAL A 226 8.46 3.56 -7.14
CA VAL A 226 7.36 2.99 -7.96
C VAL A 226 6.00 3.25 -7.35
N PRO A 227 4.95 3.49 -8.17
CA PRO A 227 3.60 3.61 -7.67
C PRO A 227 3.24 2.25 -7.05
N ASP A 228 2.58 2.26 -5.90
CA ASP A 228 2.34 0.99 -5.19
C ASP A 228 0.98 0.41 -5.58
N LEU A 229 0.11 1.26 -6.09
CA LEU A 229 -1.20 0.79 -6.61
C LEU A 229 -1.08 0.82 -8.12
N LEU A 230 -1.23 -0.35 -8.76
CA LEU A 230 -1.02 -0.42 -10.22
C LEU A 230 -2.16 -1.21 -10.87
N ARG A 231 -2.42 -0.98 -12.16
CA ARG A 231 -3.52 -1.67 -12.89
C ARG A 231 -3.15 -3.13 -13.14
N GLY A 232 -4.15 -4.02 -13.25
CA GLY A 232 -3.88 -5.47 -13.35
C GLY A 232 -3.19 -5.93 -14.62
N ALA A 233 -3.26 -5.13 -15.67
CA ALA A 233 -2.66 -5.56 -16.95
C ALA A 233 -1.16 -5.75 -16.72
N VAL A 234 -0.55 -4.88 -15.91
CA VAL A 234 0.91 -4.95 -15.65
C VAL A 234 1.22 -6.28 -14.97
N PHE A 235 0.40 -6.69 -14.01
CA PHE A 235 0.71 -7.93 -13.26
C PHE A 235 0.69 -9.09 -14.25
N GLU A 236 -0.29 -9.07 -15.16
CA GLU A 236 -0.40 -10.15 -16.17
C GLU A 236 0.83 -10.10 -17.07
N GLY A 237 1.29 -8.89 -17.39
CA GLY A 237 2.50 -8.74 -18.21
C GLY A 237 3.72 -9.29 -17.51
N CYS A 238 3.82 -9.08 -16.20
CA CYS A 238 4.98 -9.57 -15.42
C CYS A 238 4.87 -11.08 -15.29
N GLY A 239 3.73 -11.65 -15.70
CA GLY A 239 3.53 -13.10 -15.65
C GLY A 239 2.88 -13.50 -14.34
N MET A 240 2.56 -12.51 -13.51
CA MET A 240 1.84 -12.83 -12.25
C MET A 240 0.39 -13.07 -12.64
N THR A 241 -0.35 -13.87 -11.86
CA THR A 241 -1.74 -14.20 -12.25
C THR A 241 -2.75 -13.44 -11.41
N PRO A 242 -3.27 -12.29 -11.86
CA PRO A 242 -4.31 -11.57 -11.15
C PRO A 242 -5.65 -12.32 -11.15
N ASN A 243 -5.97 -12.95 -12.28
CA ASN A 243 -7.28 -13.65 -12.43
C ASN A 243 -7.48 -14.84 -11.50
N ALA A 244 -6.45 -15.63 -11.19
CA ALA A 244 -6.62 -16.90 -10.45
C ALA A 244 -7.30 -16.79 -9.08
N ASN A 245 -8.09 -17.81 -8.70
CA ASN A 245 -8.86 -17.81 -7.43
C ASN A 245 -8.00 -17.73 -6.17
N PRO A 246 -6.89 -18.48 -6.01
CA PRO A 246 -6.06 -18.30 -4.82
C PRO A 246 -5.19 -17.08 -5.11
N SER A 247 -5.81 -15.91 -5.32
CA SER A 247 -5.04 -14.70 -5.70
C SER A 247 -4.23 -14.21 -4.50
N GLN A 248 -2.97 -13.85 -4.74
CA GLN A 248 -2.15 -13.28 -3.65
C GLN A 248 -2.20 -11.77 -3.80
N ILE A 249 -2.96 -11.29 -4.78
CA ILE A 249 -2.96 -9.84 -5.06
C ILE A 249 -4.18 -9.20 -4.44
N TYR A 250 -3.96 -8.24 -3.54
CA TYR A 250 -5.08 -7.49 -2.92
C TYR A 250 -5.66 -6.53 -3.95
N ASN A 251 -6.98 -6.34 -3.96
CA ASN A 251 -7.64 -5.50 -4.98
C ASN A 251 -8.47 -4.41 -4.32
N ILE A 252 -8.39 -3.18 -4.83
CA ILE A 252 -9.26 -2.09 -4.29
C ILE A 252 -10.69 -2.43 -4.72
N ASP A 253 -11.69 -2.06 -3.93
CA ASP A 253 -13.09 -2.45 -4.23
C ASP A 253 -13.40 -1.98 -5.64
N PRO A 254 -13.89 -2.87 -6.53
CA PRO A 254 -14.15 -2.51 -7.92
C PRO A 254 -15.19 -1.39 -7.99
N ALA A 255 -16.19 -1.44 -7.12
CA ALA A 255 -17.27 -0.43 -7.16
C ALA A 255 -16.67 0.95 -6.90
N ARG A 256 -15.84 1.05 -5.87
CA ARG A 256 -15.25 2.35 -5.51
C ARG A 256 -14.23 2.79 -6.58
N PHE A 257 -13.37 1.88 -7.04
CA PHE A 257 -12.29 2.25 -7.99
C PHE A 257 -12.00 1.07 -8.93
N LYS A 258 -11.65 1.34 -10.18
CA LYS A 258 -11.50 0.23 -11.17
C LYS A 258 -10.05 -0.11 -11.47
N ASP A 259 -9.75 -1.40 -11.64
CA ASP A 259 -8.40 -1.84 -12.07
C ASP A 259 -7.30 -1.27 -11.19
N LEU A 260 -7.47 -1.27 -9.86
CA LEU A 260 -6.34 -0.86 -9.00
C LEU A 260 -5.97 -2.05 -8.12
N ASN A 261 -4.74 -2.54 -8.26
CA ASN A 261 -4.30 -3.73 -7.48
C ASN A 261 -3.00 -3.39 -6.74
N LEU A 262 -2.92 -3.70 -5.45
CA LEU A 262 -1.68 -3.44 -4.66
C LEU A 262 -0.57 -4.35 -5.17
N ALA A 263 0.67 -3.90 -5.12
CA ALA A 263 1.79 -4.68 -5.68
C ALA A 263 2.55 -5.42 -4.58
N GLY A 264 2.84 -6.70 -4.80
CA GLY A 264 3.59 -7.50 -3.81
C GLY A 264 5.07 -7.46 -4.07
N THR A 265 5.51 -6.74 -5.12
CA THR A 265 6.95 -6.58 -5.43
C THR A 265 7.10 -5.25 -6.15
N ALA A 266 8.32 -4.87 -6.53
CA ALA A 266 8.45 -3.64 -7.33
C ALA A 266 8.78 -4.03 -8.76
N GLU A 267 8.88 -5.32 -9.01
CA GLU A 267 9.15 -5.81 -10.37
C GLU A 267 8.00 -5.29 -11.21
N VAL A 268 6.81 -5.39 -10.65
CA VAL A 268 5.63 -4.99 -11.44
C VAL A 268 5.75 -3.52 -11.75
N GLY A 269 6.07 -2.71 -10.76
CA GLY A 269 6.10 -1.27 -11.02
C GLY A 269 7.20 -0.92 -11.98
N LEU A 270 8.38 -1.50 -11.77
CA LEU A 270 9.52 -1.10 -12.62
C LEU A 270 9.17 -1.50 -14.06
N ALA A 271 8.51 -2.63 -14.21
CA ALA A 271 8.10 -3.06 -15.56
C ALA A 271 7.17 -2.02 -16.15
N GLY A 272 6.30 -1.44 -15.35
CA GLY A 272 5.34 -0.47 -15.88
C GLY A 272 6.03 0.70 -16.49
N TYR A 273 7.15 1.11 -15.89
CA TYR A 273 7.92 2.27 -16.40
C TYR A 273 8.34 1.94 -17.81
N PHE A 274 8.73 0.70 -18.04
CA PHE A 274 9.29 0.36 -19.35
C PHE A 274 8.21 -0.09 -20.33
N MET A 275 6.97 -0.22 -19.88
CA MET A 275 5.91 -0.74 -20.77
C MET A 275 5.67 0.22 -21.92
N ASP A 276 5.58 -0.30 -23.14
CA ASP A 276 5.22 0.54 -24.31
C ASP A 276 6.27 1.62 -24.53
N HIS A 277 7.48 1.38 -24.06
CA HIS A 277 8.59 2.37 -24.25
C HIS A 277 9.84 1.62 -24.74
N THR A 278 10.78 2.35 -25.34
CA THR A 278 12.04 1.72 -25.81
C THR A 278 13.24 2.33 -25.10
N VAL A 279 14.30 1.53 -24.91
CA VAL A 279 15.54 2.05 -24.28
C VAL A 279 16.66 1.92 -25.31
N ALA A 280 17.48 2.97 -25.47
CA ALA A 280 18.55 2.95 -26.49
C ALA A 280 19.56 1.85 -26.17
N PHE A 281 20.08 1.18 -27.19
CA PHE A 281 21.06 0.09 -26.98
C PHE A 281 22.25 0.63 -26.19
N ARG A 282 22.61 1.89 -26.41
CA ARG A 282 23.81 2.44 -25.75
C ARG A 282 23.58 2.46 -24.25
N ASP A 283 22.38 2.84 -23.83
CA ASP A 283 22.06 2.91 -22.40
C ASP A 283 22.14 1.51 -21.80
N LEU A 284 21.78 0.50 -22.57
CA LEU A 284 21.76 -0.89 -22.04
C LEU A 284 23.19 -1.25 -21.69
N PRO A 285 23.48 -2.05 -20.65
CA PRO A 285 22.45 -2.60 -19.78
C PRO A 285 21.79 -1.58 -18.86
N VAL A 286 20.53 -1.81 -18.51
CA VAL A 286 19.86 -0.89 -17.55
C VAL A 286 19.71 -1.61 -16.21
N ARG A 287 20.32 -1.08 -15.15
CA ARG A 287 20.26 -1.67 -13.81
C ARG A 287 19.56 -0.68 -12.90
N MET A 288 18.51 -1.09 -12.21
CA MET A 288 17.71 -0.15 -11.40
C MET A 288 17.45 -0.73 -10.02
N VAL A 289 17.37 0.12 -9.00
CA VAL A 289 17.10 -0.34 -7.62
C VAL A 289 15.88 0.41 -7.08
N CYS A 290 14.97 -0.32 -6.43
CA CYS A 290 13.76 0.32 -5.85
C CYS A 290 13.47 -0.26 -4.47
N SER A 291 12.97 0.57 -3.57
CA SER A 291 12.54 0.09 -2.24
C SER A 291 11.05 0.37 -2.17
N SER A 292 10.25 -0.64 -1.81
CA SER A 292 8.78 -0.48 -1.84
C SER A 292 8.10 -1.23 -0.73
N THR A 293 6.92 -0.75 -0.31
CA THR A 293 6.15 -1.56 0.64
C THR A 293 5.41 -2.58 -0.23
N CYS A 294 5.53 -3.85 0.09
CA CYS A 294 4.96 -4.91 -0.75
C CYS A 294 3.83 -5.60 -0.01
N TYR A 295 2.69 -5.80 -0.68
CA TYR A 295 1.51 -6.44 -0.06
C TYR A 295 1.18 -7.75 -0.76
N ARG A 296 1.21 -8.86 -0.02
CA ARG A 296 0.87 -10.19 -0.59
C ARG A 296 -0.09 -10.93 0.34
N ALA A 297 -1.22 -11.43 -0.19
CA ALA A 297 -2.24 -12.13 0.63
C ALA A 297 -1.73 -13.47 1.14
N GLU A 298 -1.21 -14.30 0.25
CA GLU A 298 -0.57 -15.56 0.70
C GLU A 298 -1.52 -16.31 1.63
N THR A 299 -2.80 -16.30 1.32
CA THR A 299 -3.80 -16.98 2.20
C THR A 299 -3.46 -18.46 2.20
N ASN A 300 -3.00 -18.98 1.06
CA ASN A 300 -2.74 -20.43 0.97
C ASN A 300 -1.79 -20.80 2.11
N GLU A 304 -0.05 -24.22 7.98
CA GLU A 304 -0.27 -22.77 8.24
C GLU A 304 0.61 -22.32 9.41
N PRO A 305 1.85 -21.85 9.17
CA PRO A 305 2.77 -21.44 10.24
C PRO A 305 2.41 -20.11 10.91
N ARG A 306 2.96 -19.85 12.11
CA ARG A 306 2.77 -18.53 12.78
C ARG A 306 4.15 -17.89 13.00
N GLY A 307 4.25 -16.57 12.79
CA GLY A 307 5.56 -15.88 12.91
C GLY A 307 5.74 -14.85 11.82
N LEU A 308 6.97 -14.36 11.63
CA LEU A 308 7.25 -13.33 10.58
C LEU A 308 7.63 -14.01 9.26
N TYR A 309 7.75 -15.33 9.23
CA TYR A 309 8.21 -15.99 7.98
C TYR A 309 7.22 -15.69 6.86
N ARG A 310 5.92 -15.75 7.15
CA ARG A 310 4.92 -15.36 6.13
C ARG A 310 4.10 -14.20 6.68
N VAL A 311 4.04 -13.09 5.94
CA VAL A 311 3.30 -11.89 6.41
C VAL A 311 2.68 -11.21 5.19
N HIS A 312 1.62 -10.43 5.41
CA HIS A 312 0.92 -9.74 4.28
C HIS A 312 1.71 -8.53 3.77
N HIS A 313 2.30 -7.74 4.68
CA HIS A 313 3.02 -6.52 4.26
C HIS A 313 4.52 -6.70 4.51
N PHE A 314 5.36 -6.31 3.54
CA PHE A 314 6.83 -6.36 3.74
C PHE A 314 7.50 -5.26 2.93
N THR A 315 8.62 -4.73 3.42
CA THR A 315 9.39 -3.71 2.65
C THR A 315 10.53 -4.43 1.97
N LYS A 316 10.65 -4.28 0.66
CA LYS A 316 11.68 -5.06 -0.05
C LYS A 316 12.48 -4.17 -0.97
N VAL A 317 13.78 -4.38 -1.02
CA VAL A 317 14.64 -3.62 -1.98
C VAL A 317 14.80 -4.56 -3.16
N GLU A 318 14.57 -4.07 -4.36
CA GLU A 318 14.57 -4.98 -5.52
C GLU A 318 15.56 -4.51 -6.57
N MET A 319 16.17 -5.46 -7.25
CA MET A 319 17.09 -5.11 -8.35
C MET A 319 16.40 -5.56 -9.63
N PHE A 320 16.33 -4.68 -10.61
CA PHE A 320 15.70 -5.02 -11.91
C PHE A 320 16.64 -4.61 -13.02
N GLY A 321 16.57 -5.28 -14.17
CA GLY A 321 17.38 -4.86 -15.32
C GLY A 321 16.77 -5.12 -16.67
N VAL A 322 17.01 -4.24 -17.63
CA VAL A 322 16.58 -4.46 -19.04
C VAL A 322 17.89 -4.69 -19.75
N THR A 323 18.04 -5.82 -20.44
CA THR A 323 19.36 -6.14 -21.02
C THR A 323 19.30 -6.18 -22.54
N GLY A 324 20.41 -6.53 -23.18
CA GLY A 324 20.50 -6.49 -24.66
C GLY A 324 19.90 -7.68 -25.33
N PRO A 325 20.02 -7.80 -26.68
CA PRO A 325 19.36 -8.87 -27.42
C PRO A 325 19.80 -10.27 -27.02
N GLY A 326 21.09 -10.44 -26.75
CA GLY A 326 21.59 -11.79 -26.48
C GLY A 326 20.97 -12.43 -25.25
N LEU A 327 20.56 -13.69 -25.36
CA LEU A 327 20.06 -14.43 -24.19
C LEU A 327 21.27 -14.55 -23.27
N GLU A 328 22.45 -14.75 -23.84
CA GLU A 328 23.70 -14.85 -23.05
C GLU A 328 23.92 -13.53 -22.34
N GLN A 329 23.65 -12.41 -23.01
CA GLN A 329 23.81 -11.08 -22.38
C GLN A 329 22.87 -10.98 -21.18
N SER A 330 21.63 -11.46 -21.32
CA SER A 330 20.67 -11.44 -20.19
C SER A 330 21.17 -12.33 -19.06
N SER A 331 21.74 -13.48 -19.39
CA SER A 331 22.16 -14.42 -18.32
C SER A 331 23.28 -13.80 -17.49
N GLN A 332 24.07 -12.93 -18.10
CA GLN A 332 25.20 -12.34 -17.35
C GLN A 332 24.61 -11.53 -16.21
N LEU A 333 23.55 -10.79 -16.49
CA LEU A 333 22.98 -9.91 -15.45
C LEU A 333 22.56 -10.80 -14.30
N LEU A 334 22.02 -11.96 -14.63
CA LEU A 334 21.50 -12.78 -13.53
C LEU A 334 22.68 -13.15 -12.67
N GLU A 335 23.78 -13.53 -13.27
CA GLU A 335 24.90 -13.99 -12.43
C GLU A 335 25.40 -12.80 -11.61
N GLU A 336 25.40 -11.62 -12.23
CA GLU A 336 25.85 -10.43 -11.50
C GLU A 336 24.91 -10.23 -10.32
N PHE A 337 23.62 -10.34 -10.56
CA PHE A 337 22.66 -10.05 -9.48
C PHE A 337 22.88 -11.06 -8.37
N LEU A 338 23.10 -12.31 -8.74
CA LEU A 338 23.30 -13.37 -7.73
C LEU A 338 24.56 -13.04 -6.96
N SER A 339 25.58 -12.59 -7.67
CA SER A 339 26.86 -12.39 -6.96
C SER A 339 26.60 -11.34 -5.90
N LEU A 340 25.88 -10.31 -6.28
CA LEU A 340 25.61 -9.22 -5.32
C LEU A 340 24.75 -9.81 -4.21
N GLN A 341 23.81 -10.67 -4.55
CA GLN A 341 22.93 -11.16 -3.48
C GLN A 341 23.80 -11.91 -2.51
N MET A 342 24.68 -12.74 -3.04
CA MET A 342 25.50 -13.57 -2.15
C MET A 342 26.38 -12.65 -1.32
N GLU A 343 26.89 -11.59 -1.93
CA GLU A 343 27.83 -10.69 -1.22
C GLU A 343 27.11 -10.04 -0.05
N ILE A 344 25.89 -9.60 -0.26
CA ILE A 344 25.21 -8.87 0.84
C ILE A 344 25.09 -9.82 1.99
N LEU A 345 24.70 -11.05 1.69
CA LEU A 345 24.45 -12.01 2.79
C LEU A 345 25.75 -12.36 3.51
N THR A 346 26.83 -12.57 2.78
CA THR A 346 28.12 -12.93 3.41
C THR A 346 28.56 -11.76 4.27
N GLU A 347 28.36 -10.55 3.79
CA GLU A 347 28.74 -9.33 4.54
C GLU A 347 27.92 -9.24 5.83
N LEU A 348 26.73 -9.82 5.82
CA LEU A 348 25.83 -9.78 6.99
C LEU A 348 26.15 -10.96 7.91
N GLY A 349 27.15 -11.76 7.52
CA GLY A 349 27.56 -12.89 8.37
C GLY A 349 26.56 -14.01 8.39
N LEU A 350 25.88 -14.26 7.27
CA LEU A 350 24.80 -15.27 7.27
C LEU A 350 25.21 -16.52 6.51
N HIS A 351 24.89 -17.71 7.06
CA HIS A 351 25.15 -18.99 6.36
C HIS A 351 24.05 -19.19 5.32
N PHE A 352 24.41 -19.47 4.07
CA PHE A 352 23.38 -19.57 3.01
C PHE A 352 23.77 -20.57 1.93
N ARG A 353 22.80 -21.00 1.13
CA ARG A 353 23.05 -21.97 0.04
C ARG A 353 22.30 -21.50 -1.20
N VAL A 354 22.96 -21.55 -2.35
CA VAL A 354 22.35 -21.04 -3.61
C VAL A 354 21.78 -22.24 -4.33
N LEU A 355 20.50 -22.19 -4.68
CA LEU A 355 19.90 -23.39 -5.29
C LEU A 355 19.44 -23.07 -6.71
N ASP A 356 19.89 -23.85 -7.69
CA ASP A 356 19.33 -23.66 -9.03
C ASP A 356 17.93 -24.21 -8.87
N MET A 357 16.93 -23.44 -9.28
CA MET A 357 15.53 -23.88 -9.01
C MET A 357 15.07 -24.86 -10.08
N PRO A 358 14.22 -25.83 -9.72
CA PRO A 358 13.70 -26.81 -10.66
C PRO A 358 12.53 -26.27 -11.47
N THR A 359 12.10 -27.02 -12.48
CA THR A 359 11.04 -26.52 -13.38
C THR A 359 9.76 -26.26 -12.61
N GLN A 360 9.44 -27.10 -11.65
CA GLN A 360 8.14 -26.95 -10.97
C GLN A 360 8.07 -25.63 -10.19
N GLU A 361 9.21 -25.12 -9.75
CA GLU A 361 9.18 -23.86 -8.95
C GLU A 361 9.58 -22.67 -9.80
N LEU A 362 9.92 -22.89 -11.06
CA LEU A 362 10.43 -21.74 -11.86
C LEU A 362 9.34 -20.69 -11.99
N GLY A 363 8.13 -21.08 -12.34
CA GLY A 363 7.07 -20.09 -12.58
C GLY A 363 6.90 -19.78 -14.05
N LEU A 364 5.77 -19.20 -14.42
CA LEU A 364 5.46 -18.95 -15.84
C LEU A 364 6.47 -18.02 -16.52
N PRO A 365 6.97 -16.92 -15.91
CA PRO A 365 7.85 -16.00 -16.63
C PRO A 365 9.35 -16.28 -16.50
N ALA A 366 9.74 -17.37 -15.87
CA ALA A 366 11.18 -17.54 -15.59
C ALA A 366 11.90 -18.60 -16.43
N TYR A 367 12.90 -18.19 -17.21
CA TYR A 367 13.76 -19.14 -17.97
C TYR A 367 14.64 -19.88 -16.97
N ARG A 368 15.21 -19.13 -16.04
CA ARG A 368 16.02 -19.76 -14.98
C ARG A 368 15.86 -18.94 -13.72
N LYS A 369 15.90 -19.58 -12.57
CA LYS A 369 15.68 -18.85 -11.30
C LYS A 369 16.71 -19.33 -10.31
N PHE A 370 17.28 -18.41 -9.56
CA PHE A 370 18.21 -18.85 -8.50
C PHE A 370 17.63 -18.29 -7.22
N ASP A 371 17.45 -19.15 -6.23
CA ASP A 371 16.85 -18.71 -4.95
C ASP A 371 17.89 -18.94 -3.86
N ILE A 372 17.96 -18.10 -2.84
CA ILE A 372 19.01 -18.37 -1.83
C ILE A 372 18.34 -18.68 -0.51
N GLU A 373 18.75 -19.77 0.13
CA GLU A 373 18.16 -20.17 1.42
C GLU A 373 19.17 -19.85 2.52
N ALA A 374 18.75 -19.15 3.57
CA ALA A 374 19.67 -18.76 4.64
C ALA A 374 19.32 -19.52 5.92
N TRP A 375 20.34 -20.01 6.62
CA TRP A 375 20.06 -20.83 7.81
C TRP A 375 19.35 -19.99 8.88
N MET A 376 18.23 -20.49 9.37
CA MET A 376 17.55 -19.80 10.50
C MET A 376 17.58 -20.81 11.63
N PRO A 377 18.34 -20.57 12.71
CA PRO A 377 18.50 -21.58 13.76
C PRO A 377 17.22 -22.00 14.48
N GLY A 378 16.36 -21.04 14.86
CA GLY A 378 15.16 -21.40 15.63
C GLY A 378 14.26 -22.29 14.81
N ARG A 379 14.06 -21.93 13.54
CA ARG A 379 13.27 -22.78 12.62
C ARG A 379 14.05 -24.06 12.36
N GLY A 380 15.38 -23.99 12.45
CA GLY A 380 16.22 -25.15 12.12
C GLY A 380 16.06 -25.53 10.67
N ARG A 381 15.87 -24.52 9.81
CA ARG A 381 15.62 -24.80 8.38
C ARG A 381 16.24 -23.69 7.53
N PHE A 382 16.59 -24.00 6.28
CA PHE A 382 17.07 -22.95 5.36
C PHE A 382 15.84 -22.44 4.61
N GLY A 383 15.64 -21.12 4.54
CA GLY A 383 14.40 -20.60 3.93
C GLY A 383 14.72 -19.54 2.89
N GLU A 384 13.89 -19.42 1.85
CA GLU A 384 14.26 -18.48 0.78
C GLU A 384 14.32 -17.07 1.37
N VAL A 385 15.43 -16.38 1.15
CA VAL A 385 15.52 -14.98 1.62
C VAL A 385 15.68 -14.11 0.37
N THR A 386 16.06 -14.73 -0.75
CA THR A 386 16.20 -13.99 -2.02
C THR A 386 15.77 -14.83 -3.21
N SER A 387 15.30 -14.17 -4.28
CA SER A 387 14.94 -14.88 -5.53
C SER A 387 15.55 -14.12 -6.69
N ALA A 388 16.18 -14.81 -7.64
CA ALA A 388 16.72 -14.13 -8.83
C ALA A 388 16.21 -14.84 -10.08
N SER A 389 15.68 -14.12 -11.07
CA SER A 389 15.08 -14.81 -12.24
C SER A 389 15.41 -14.12 -13.56
N ASN A 390 15.68 -14.89 -14.61
CA ASN A 390 15.88 -14.30 -15.96
C ASN A 390 14.55 -14.49 -16.66
N CYS A 391 13.82 -13.41 -16.94
CA CYS A 391 12.46 -13.60 -17.48
C CYS A 391 12.54 -13.50 -18.99
N THR A 392 13.74 -13.28 -19.50
CA THR A 392 13.94 -13.22 -20.96
C THR A 392 12.97 -12.23 -21.55
N ASP A 393 12.32 -12.62 -22.65
CA ASP A 393 11.43 -11.69 -23.37
C ASP A 393 9.96 -11.89 -23.00
N PHE A 394 9.66 -12.78 -22.06
CA PHE A 394 8.23 -13.06 -21.79
C PHE A 394 7.60 -11.75 -21.37
N GLN A 395 8.22 -11.08 -20.41
CA GLN A 395 7.62 -9.84 -19.90
C GLN A 395 7.70 -8.80 -21.01
N SER A 396 8.81 -8.75 -21.74
CA SER A 396 9.01 -7.68 -22.75
C SER A 396 7.96 -7.82 -23.84
N ARG A 397 7.68 -9.04 -24.23
CA ARG A 397 6.72 -9.25 -25.33
C ARG A 397 5.33 -8.75 -24.94
N ARG A 398 4.88 -9.08 -23.72
CA ARG A 398 3.52 -8.67 -23.29
C ARG A 398 3.39 -7.18 -23.03
N LEU A 399 4.34 -6.59 -22.31
CA LEU A 399 4.21 -5.17 -21.90
C LEU A 399 4.88 -4.28 -22.94
N HIS A 400 5.51 -4.89 -23.94
CA HIS A 400 6.11 -4.09 -25.04
C HIS A 400 7.29 -3.28 -24.51
N ILE A 401 8.15 -3.92 -23.72
CA ILE A 401 9.41 -3.25 -23.29
C ILE A 401 10.35 -3.48 -24.47
N MET A 402 10.93 -2.42 -25.03
CA MET A 402 11.71 -2.60 -26.28
C MET A 402 13.10 -1.97 -26.19
N PHE A 403 14.00 -2.42 -27.05
CA PHE A 403 15.34 -1.77 -27.14
C PHE A 403 15.56 -1.39 -28.60
N GLN A 404 15.95 -0.15 -28.85
CA GLN A 404 16.12 0.31 -30.24
C GLN A 404 17.60 0.29 -30.62
N THR A 405 17.93 -0.40 -31.71
CA THR A 405 19.32 -0.40 -32.20
C THR A 405 19.75 0.88 -32.94
N GLU A 406 21.05 1.12 -33.09
CA GLU A 406 21.54 2.36 -33.74
C GLU A 406 20.91 2.56 -35.16
N ALA A 407 20.74 1.42 -35.83
CA ALA A 407 20.01 1.40 -37.11
C ALA A 407 18.63 2.09 -37.12
N GLY A 408 17.87 1.96 -36.03
CA GLY A 408 16.51 2.53 -35.97
C GLY A 408 15.51 1.42 -35.72
N GLU A 409 16.03 0.21 -35.56
CA GLU A 409 15.13 -0.95 -35.39
C GLU A 409 14.66 -1.08 -33.95
N LEU A 410 13.37 -1.37 -33.75
CA LEU A 410 12.84 -1.60 -32.40
C LEU A 410 12.72 -3.12 -32.22
N GLN A 411 13.33 -3.65 -31.18
CA GLN A 411 13.35 -5.11 -30.98
C GLN A 411 13.02 -5.39 -29.51
N PHE A 412 12.54 -6.60 -29.22
CA PHE A 412 12.09 -6.93 -27.85
C PHE A 412 13.31 -7.08 -26.95
N ALA A 413 13.14 -6.74 -25.68
CA ALA A 413 14.28 -6.76 -24.75
C ALA A 413 14.17 -7.91 -23.78
N HIS A 414 15.17 -8.06 -22.93
CA HIS A 414 15.18 -9.17 -21.94
C HIS A 414 15.07 -8.57 -20.55
N THR A 415 14.32 -9.21 -19.66
CA THR A 415 14.10 -8.65 -18.31
C THR A 415 14.69 -9.58 -17.27
N VAL A 416 15.49 -9.06 -16.35
CA VAL A 416 16.05 -9.89 -15.24
C VAL A 416 15.63 -9.25 -13.92
N ASN A 417 15.14 -10.04 -12.97
CA ASN A 417 14.67 -9.49 -11.68
C ASN A 417 15.30 -10.25 -10.52
N ALA A 418 15.63 -9.55 -9.44
CA ALA A 418 16.26 -10.20 -8.26
C ALA A 418 15.94 -9.44 -6.99
N THR A 419 16.03 -10.11 -5.84
CA THR A 419 15.66 -9.46 -4.55
C THR A 419 16.94 -9.12 -3.78
N ALA A 420 17.10 -7.86 -3.40
CA ALA A 420 18.28 -7.47 -2.60
C ALA A 420 18.00 -7.63 -1.11
N CYS A 421 16.87 -7.11 -0.63
CA CYS A 421 16.61 -7.17 0.83
C CYS A 421 15.14 -7.50 1.12
N ALA A 422 14.87 -8.68 1.66
CA ALA A 422 13.50 -9.01 2.12
C ALA A 422 13.56 -8.79 3.62
N VAL A 423 13.06 -7.65 4.09
CA VAL A 423 13.31 -7.36 5.53
C VAL A 423 12.75 -8.45 6.45
N PRO A 424 11.56 -9.04 6.26
CA PRO A 424 11.05 -9.96 7.26
C PRO A 424 11.88 -11.19 7.55
N ARG A 425 12.26 -11.93 6.52
CA ARG A 425 12.99 -13.19 6.75
C ARG A 425 14.40 -12.89 7.24
N LEU A 426 14.99 -11.82 6.73
CA LEU A 426 16.38 -11.53 7.12
C LEU A 426 16.38 -11.24 8.60
N LEU A 427 15.37 -10.55 9.10
CA LEU A 427 15.39 -10.21 10.54
C LEU A 427 15.43 -11.53 11.26
N ILE A 428 14.68 -12.49 10.77
CA ILE A 428 14.61 -13.79 11.48
C ILE A 428 16.02 -14.36 11.49
N ALA A 429 16.69 -14.34 10.36
CA ALA A 429 18.02 -14.96 10.32
C ALA A 429 18.95 -14.17 11.24
N LEU A 430 18.89 -12.85 11.16
CA LEU A 430 19.85 -12.07 11.96
C LEU A 430 19.54 -12.26 13.44
N LEU A 431 18.26 -12.18 13.81
CA LEU A 431 17.94 -12.27 15.25
C LEU A 431 18.26 -13.65 15.79
N GLU A 432 17.83 -14.71 15.11
CA GLU A 432 18.03 -16.07 15.66
C GLU A 432 19.50 -16.43 15.66
N SER A 433 20.20 -16.13 14.58
CA SER A 433 21.64 -16.48 14.45
C SER A 433 22.51 -15.68 15.42
N ASN A 434 22.21 -14.40 15.62
CA ASN A 434 23.12 -13.56 16.44
C ASN A 434 22.60 -13.55 17.88
N GLN A 435 21.69 -14.46 18.21
CA GLN A 435 21.06 -14.51 19.55
C GLN A 435 22.04 -14.86 20.65
N GLN A 436 21.80 -14.35 21.85
CA GLN A 436 22.63 -14.73 23.02
C GLN A 436 21.69 -15.25 24.13
N LYS A 437 22.21 -15.99 25.10
CA LYS A 437 21.37 -16.61 26.15
C LYS A 437 20.65 -15.55 26.97
N ASP A 438 21.34 -14.44 27.26
CA ASP A 438 20.72 -13.37 28.08
C ASP A 438 19.56 -12.81 27.27
N GLY A 439 19.53 -13.09 25.98
CA GLY A 439 18.46 -12.58 25.10
C GLY A 439 18.96 -11.43 24.27
N SER A 440 20.21 -11.04 24.48
CA SER A 440 20.79 -9.96 23.65
C SER A 440 21.02 -10.49 22.25
N VAL A 441 20.94 -9.63 21.25
CA VAL A 441 21.22 -10.05 19.85
C VAL A 441 22.39 -9.23 19.35
N LEU A 442 23.33 -9.88 18.68
CA LEU A 442 24.56 -9.17 18.24
C LEU A 442 24.29 -8.46 16.92
N VAL A 443 24.41 -7.13 16.93
CA VAL A 443 24.24 -6.40 15.65
C VAL A 443 25.43 -6.78 14.78
N PRO A 444 25.21 -7.27 13.56
CA PRO A 444 26.29 -7.64 12.67
C PRO A 444 27.05 -6.36 12.39
N PRO A 445 28.37 -6.42 12.11
CA PRO A 445 29.17 -5.20 11.99
C PRO A 445 28.71 -4.19 10.93
N ALA A 446 28.21 -4.68 9.81
CA ALA A 446 27.78 -3.78 8.73
C ALA A 446 26.66 -2.87 9.20
N LEU A 447 25.75 -3.39 10.03
CA LEU A 447 24.57 -2.58 10.41
C LEU A 447 24.83 -1.86 11.71
N GLN A 448 26.01 -2.07 12.30
CA GLN A 448 26.26 -1.46 13.62
C GLN A 448 26.12 0.04 13.50
N SER A 449 26.55 0.61 12.39
CA SER A 449 26.47 2.08 12.30
C SER A 449 25.01 2.50 12.33
N TYR A 450 24.15 1.79 11.60
CA TYR A 450 22.76 2.27 11.51
C TYR A 450 22.10 2.11 12.87
N LEU A 451 22.30 0.95 13.48
CA LEU A 451 21.65 0.70 14.77
C LEU A 451 22.25 1.55 15.89
N GLY A 452 23.59 1.70 15.91
CA GLY A 452 24.28 2.47 16.97
C GLY A 452 24.80 1.63 18.12
N THR A 453 24.70 0.31 18.02
CA THR A 453 25.10 -0.54 19.15
C THR A 453 25.68 -1.85 18.62
N ASP A 454 26.30 -2.63 19.49
CA ASP A 454 26.84 -3.94 19.09
C ASP A 454 25.88 -5.00 19.61
N ARG A 455 25.04 -4.63 20.56
CA ARG A 455 24.09 -5.61 21.16
C ARG A 455 22.72 -4.97 21.28
N ILE A 456 21.67 -5.69 20.94
CA ILE A 456 20.31 -5.15 21.21
C ILE A 456 20.02 -5.59 22.63
N THR A 457 19.74 -4.65 23.52
CA THR A 457 19.57 -5.00 24.94
C THR A 457 18.17 -4.64 25.41
N ALA A 458 17.78 -5.18 26.56
CA ALA A 458 16.40 -5.00 27.05
C ALA A 458 16.05 -3.52 27.16
N PRO A 459 14.83 -3.14 26.81
CA PRO A 459 14.45 -1.75 26.78
C PRO A 459 14.31 -1.02 28.11
N THR A 460 14.59 0.27 28.11
CA THR A 460 14.41 1.11 29.31
C THR A 460 12.92 1.28 29.58
N HIS A 461 12.10 1.18 28.55
CA HIS A 461 10.65 1.48 28.69
C HIS A 461 9.83 0.35 29.30
N VAL A 462 8.62 0.71 29.72
CA VAL A 462 7.71 -0.33 30.25
C VAL A 462 6.78 -0.71 29.11
N PRO A 463 6.68 -2.00 28.79
CA PRO A 463 5.88 -2.44 27.68
C PRO A 463 4.38 -2.20 27.86
N LEU A 464 3.65 -2.17 26.76
CA LEU A 464 2.18 -1.98 26.81
C LEU A 464 1.53 -3.19 27.46
N GLN A 465 0.46 -2.97 28.22
CA GLN A 465 -0.32 -4.08 28.85
C GLN A 465 -1.79 -3.92 28.45
N TYR A 466 -2.49 -5.03 28.24
CA TYR A 466 -3.88 -5.00 27.74
C TYR A 466 -4.85 -4.44 28.78
N ILE A 467 -5.70 -3.51 28.36
CA ILE A 467 -6.76 -2.98 29.26
C ILE A 467 -8.10 -3.38 28.66
N GLY A 468 -8.09 -4.37 27.77
CA GLY A 468 -9.33 -4.77 27.06
C GLY A 468 -10.24 -5.68 27.85
N PRO A 469 -11.53 -5.80 27.46
CA PRO A 469 -12.45 -6.70 28.11
C PRO A 469 -12.03 -8.18 27.97
N ASN A 470 -11.39 -8.52 26.87
CA ASN A 470 -11.09 -9.96 26.59
C ASN A 470 -10.20 -10.57 27.68
N GLN A 471 -9.46 -9.76 28.42
CA GLN A 471 -8.53 -10.40 29.39
C GLN A 471 -9.36 -11.26 30.33
N PRO A 472 -8.93 -12.51 30.62
CA PRO A 472 -9.70 -13.43 31.47
C PRO A 472 -9.14 -13.54 32.89
N ARG B 5 -21.11 -2.49 6.73
CA ARG B 5 -22.16 -1.84 5.91
C ARG B 5 -22.16 -0.36 6.25
N ASN B 6 -23.27 0.13 6.81
CA ASN B 6 -23.38 1.54 7.22
C ASN B 6 -23.09 1.62 8.72
N ARG B 7 -22.68 0.50 9.31
CA ARG B 7 -22.46 0.42 10.77
C ARG B 7 -21.19 1.15 11.23
N ASN B 8 -21.21 1.72 12.43
CA ASN B 8 -19.97 2.31 13.00
C ASN B 8 -19.23 1.12 13.57
N LEU B 9 -18.09 0.82 13.01
CA LEU B 9 -17.38 -0.42 13.38
C LEU B 9 -17.07 -0.38 14.88
N LEU B 10 -16.91 0.82 15.43
CA LEU B 10 -16.50 0.89 16.84
C LEU B 10 -17.58 0.26 17.71
N TYR B 11 -18.84 0.56 17.42
CA TYR B 11 -19.94 0.03 18.26
C TYR B 11 -19.94 -1.48 18.09
N GLU B 12 -19.71 -1.94 16.88
CA GLU B 12 -19.79 -3.38 16.63
C GLU B 12 -18.73 -4.03 17.50
N TYR B 13 -17.62 -3.36 17.71
CA TYR B 13 -16.54 -4.02 18.47
C TYR B 13 -17.07 -4.30 19.87
N ALA B 14 -17.79 -3.34 20.42
CA ALA B 14 -18.41 -3.59 21.73
C ALA B 14 -19.46 -4.69 21.60
N ARG B 15 -20.23 -4.66 20.52
CA ARG B 15 -21.30 -5.66 20.40
C ARG B 15 -20.68 -7.04 20.36
N GLU B 16 -19.58 -7.19 19.65
CA GLU B 16 -19.02 -8.57 19.51
C GLU B 16 -18.15 -8.87 20.72
N GLY B 17 -18.00 -7.90 21.61
CA GLY B 17 -17.26 -8.16 22.86
C GLY B 17 -15.77 -8.02 22.70
N TYR B 18 -15.32 -7.64 21.50
CA TYR B 18 -13.88 -7.47 21.22
C TYR B 18 -13.32 -6.31 22.04
N SER B 19 -14.08 -5.23 22.17
CA SER B 19 -13.54 -4.03 22.85
C SER B 19 -14.63 -3.34 23.64
N ALA B 20 -14.25 -2.41 24.50
CA ALA B 20 -15.24 -1.69 25.32
C ALA B 20 -15.92 -0.60 24.53
N LEU B 21 -17.05 -0.14 25.04
CA LEU B 21 -17.83 0.89 24.35
C LEU B 21 -17.04 2.19 24.42
N PRO B 22 -17.05 3.02 23.39
CA PRO B 22 -16.39 4.29 23.48
C PRO B 22 -16.98 5.18 24.57
N GLN B 23 -16.13 5.83 25.35
CA GLN B 23 -16.63 6.81 26.34
C GLN B 23 -16.68 8.15 25.62
N LEU B 24 -17.43 9.13 26.09
CA LEU B 24 -17.56 10.38 25.29
C LEU B 24 -17.81 11.62 26.15
N ASP B 25 -17.71 12.80 25.55
CA ASP B 25 -17.87 14.10 26.27
C ASP B 25 -19.23 14.73 25.96
N ILE B 26 -20.23 13.92 25.60
CA ILE B 26 -21.59 14.42 25.26
C ILE B 26 -22.19 15.14 26.48
N GLU B 27 -21.70 14.83 27.68
CA GLU B 27 -22.32 15.41 28.89
C GLU B 27 -22.18 16.93 28.80
N ARG B 28 -21.03 17.40 28.33
CA ARG B 28 -20.79 18.86 28.21
C ARG B 28 -21.81 19.42 27.22
N PHE B 29 -22.07 18.68 26.14
CA PHE B 29 -23.02 19.17 25.11
C PHE B 29 -24.39 19.33 25.73
N CYS B 30 -24.84 18.33 26.49
CA CYS B 30 -26.17 18.39 27.14
C CYS B 30 -26.22 19.55 28.14
N ALA B 31 -25.13 19.77 28.87
CA ALA B 31 -25.13 20.81 29.93
C ALA B 31 -25.40 22.19 29.31
N CYS B 32 -24.77 22.47 28.16
CA CYS B 32 -24.95 23.79 27.50
C CYS B 32 -25.31 23.54 26.04
N PRO B 33 -26.55 23.15 25.73
CA PRO B 33 -26.90 22.79 24.35
C PRO B 33 -26.68 23.99 23.44
N GLU B 34 -27.10 25.18 23.88
CA GLU B 34 -26.98 26.39 23.04
C GLU B 34 -25.50 26.64 22.76
N GLU B 35 -24.67 26.62 23.80
CA GLU B 35 -23.23 26.96 23.60
C GLU B 35 -22.61 25.93 22.67
N ALA B 36 -22.93 24.65 22.88
CA ALA B 36 -22.35 23.59 22.05
C ALA B 36 -22.80 23.77 20.61
N ALA B 37 -24.07 24.14 20.40
CA ALA B 37 -24.60 24.29 19.04
C ALA B 37 -23.85 25.42 18.31
N HIS B 38 -23.56 26.52 19.01
CA HIS B 38 -22.79 27.63 18.38
C HIS B 38 -21.41 27.09 18.00
N ALA B 39 -20.81 26.32 18.90
CA ALA B 39 -19.45 25.77 18.63
C ALA B 39 -19.50 24.83 17.43
N LEU B 40 -20.51 23.96 17.39
CA LEU B 40 -20.63 22.98 16.28
C LEU B 40 -20.81 23.73 14.97
N GLU B 41 -21.62 24.79 14.99
CA GLU B 41 -21.89 25.54 13.74
C GLU B 41 -20.59 26.18 13.23
N LEU B 42 -19.79 26.74 14.13
CA LEU B 42 -18.52 27.41 13.71
C LEU B 42 -17.65 26.38 12.98
N ARG B 43 -17.75 25.12 13.37
CA ARG B 43 -16.96 24.02 12.73
C ARG B 43 -17.45 23.74 11.31
N LYS B 44 -18.76 23.84 11.07
CA LYS B 44 -19.34 23.52 9.73
C LYS B 44 -19.00 22.09 9.35
N GLY B 45 -19.10 21.16 10.30
CA GLY B 45 -18.80 19.75 10.05
C GLY B 45 -20.02 18.96 9.62
N GLU B 46 -19.95 17.63 9.69
CA GLU B 46 -21.08 16.77 9.24
C GLU B 46 -22.30 17.09 10.09
N LEU B 47 -22.11 17.25 11.40
CA LEU B 47 -23.26 17.52 12.29
C LEU B 47 -23.51 19.03 12.34
N ARG B 48 -24.70 19.44 12.77
CA ARG B 48 -25.07 20.88 12.77
C ARG B 48 -25.89 21.17 14.02
N SER B 49 -26.01 22.45 14.41
CA SER B 49 -26.78 22.84 15.61
C SER B 49 -28.12 22.09 15.67
N ALA B 50 -28.89 22.12 14.58
CA ALA B 50 -30.23 21.49 14.57
C ALA B 50 -30.14 20.01 14.91
N ASP B 51 -29.07 19.35 14.46
CA ASP B 51 -28.87 17.91 14.72
C ASP B 51 -28.70 17.64 16.22
N LEU B 52 -28.05 18.55 16.97
CA LEU B 52 -27.71 18.28 18.39
C LEU B 52 -28.93 18.01 19.30
N PRO B 53 -30.05 18.76 19.25
CA PRO B 53 -31.15 18.52 20.19
C PRO B 53 -31.69 17.09 20.04
N ALA B 54 -31.79 16.58 18.82
CA ALA B 54 -32.27 15.20 18.61
C ALA B 54 -31.32 14.24 19.31
N ILE B 55 -30.02 14.49 19.22
CA ILE B 55 -29.02 13.63 19.92
C ILE B 55 -29.25 13.76 21.43
N ILE B 56 -29.50 14.99 21.89
CA ILE B 56 -29.74 15.21 23.34
C ILE B 56 -31.01 14.43 23.71
N SER B 57 -32.04 14.53 22.87
CA SER B 57 -33.30 13.81 23.13
C SER B 57 -33.06 12.30 23.13
N THR B 58 -32.28 11.80 22.17
CA THR B 58 -32.09 10.33 22.05
C THR B 58 -31.42 9.85 23.34
N TRP B 59 -30.48 10.63 23.87
CA TRP B 59 -29.82 10.26 25.15
C TRP B 59 -30.88 10.15 26.23
N GLN B 60 -31.86 11.06 26.25
CA GLN B 60 -32.83 11.07 27.35
C GLN B 60 -33.68 9.80 27.25
N GLU B 61 -34.10 9.44 26.04
CA GLU B 61 -34.98 8.28 25.89
C GLU B 61 -34.21 7.04 26.35
N LEU B 62 -32.95 6.95 25.95
CA LEU B 62 -32.14 5.75 26.28
C LEU B 62 -31.95 5.65 27.78
N ARG B 63 -31.46 6.70 28.43
CA ARG B 63 -31.16 6.59 29.87
C ARG B 63 -32.43 6.25 30.64
N GLN B 64 -33.55 6.90 30.29
CA GLN B 64 -34.80 6.66 31.03
C GLN B 64 -35.22 5.20 30.84
N LEU B 65 -35.11 4.69 29.61
CA LEU B 65 -35.55 3.30 29.34
C LEU B 65 -34.68 2.35 30.16
N GLN B 66 -33.38 2.65 30.22
CA GLN B 66 -32.45 1.78 30.98
C GLN B 66 -32.84 1.80 32.46
N GLU B 67 -33.20 2.97 32.98
CA GLU B 67 -33.57 3.07 34.42
C GLU B 67 -34.81 2.22 34.67
N GLN B 68 -35.78 2.26 33.75
CA GLN B 68 -36.98 1.39 33.89
C GLN B 68 -36.53 -0.06 33.83
N ILE B 69 -35.61 -0.38 32.92
CA ILE B 69 -35.17 -1.79 32.76
C ILE B 69 -34.64 -2.27 34.11
N ARG B 70 -33.82 -1.44 34.76
CA ARG B 70 -33.27 -1.85 36.07
C ARG B 70 -34.42 -1.99 37.05
N SER B 71 -35.40 -1.09 37.00
CA SER B 71 -36.47 -1.14 38.03
C SER B 71 -37.23 -2.46 37.94
N LEU B 72 -37.57 -2.86 36.73
CA LEU B 72 -38.29 -4.14 36.54
C LEU B 72 -37.38 -5.29 36.96
N GLU B 73 -36.10 -5.23 36.63
CA GLU B 73 -35.19 -6.36 36.91
C GLU B 73 -35.13 -6.56 38.41
N GLU B 74 -35.12 -5.45 39.17
CA GLU B 74 -34.99 -5.56 40.63
C GLU B 74 -36.21 -6.34 41.12
N GLU B 75 -37.38 -6.01 40.56
CA GLU B 75 -38.61 -6.68 41.02
C GLU B 75 -38.50 -8.16 40.70
N LYS B 76 -37.99 -8.52 39.53
CA LYS B 76 -38.01 -9.95 39.15
C LYS B 76 -37.20 -10.75 40.15
N ALA B 77 -36.08 -10.19 40.59
CA ALA B 77 -35.25 -10.90 41.60
C ALA B 77 -36.02 -11.02 42.92
N ALA B 78 -36.75 -9.96 43.29
CA ALA B 78 -37.45 -10.00 44.59
C ALA B 78 -38.42 -11.17 44.58
N VAL B 79 -39.16 -11.32 43.49
CA VAL B 79 -40.19 -12.39 43.47
C VAL B 79 -39.48 -13.73 43.57
N THR B 80 -38.36 -13.90 42.86
CA THR B 80 -37.73 -15.25 42.87
C THR B 80 -37.34 -15.57 44.31
N GLU B 81 -36.77 -14.59 45.00
CA GLU B 81 -36.29 -14.87 46.38
C GLU B 81 -37.46 -15.22 47.28
N ALA B 82 -38.58 -14.50 47.17
CA ALA B 82 -39.75 -14.76 48.03
C ALA B 82 -40.28 -16.17 47.74
N VAL B 83 -40.30 -16.53 46.46
CA VAL B 83 -40.78 -17.88 46.09
C VAL B 83 -39.85 -18.91 46.74
N ARG B 84 -38.54 -18.66 46.69
CA ARG B 84 -37.57 -19.64 47.24
C ARG B 84 -37.79 -19.73 48.74
N ALA B 85 -38.09 -18.59 49.38
CA ALA B 85 -38.33 -18.56 50.83
C ALA B 85 -39.55 -19.42 51.16
N LEU B 86 -40.62 -19.28 50.38
CA LEU B 86 -41.85 -20.10 50.62
C LEU B 86 -41.49 -21.57 50.45
N LEU B 87 -40.68 -21.88 49.42
CA LEU B 87 -40.30 -23.29 49.18
C LEU B 87 -39.55 -23.83 50.39
N ALA B 88 -38.61 -23.05 50.94
CA ALA B 88 -37.80 -23.51 52.10
C ALA B 88 -38.71 -23.70 53.30
N ASN B 89 -39.64 -22.77 53.51
CA ASN B 89 -40.53 -22.85 54.68
C ASN B 89 -41.35 -24.13 54.55
N GLN B 90 -41.75 -24.49 53.33
CA GLN B 90 -42.63 -25.68 53.16
C GLN B 90 -41.65 -26.83 52.90
N VAL B 95 -47.52 -25.84 48.18
CA VAL B 95 -46.65 -25.82 46.98
C VAL B 95 -47.36 -25.03 45.87
N GLN B 96 -47.44 -25.60 44.67
CA GLN B 96 -48.18 -24.94 43.56
C GLN B 96 -49.54 -24.52 44.13
N GLN B 97 -50.03 -25.26 45.11
CA GLN B 97 -51.38 -25.00 45.67
C GLN B 97 -51.47 -23.60 46.24
N ASP B 98 -50.44 -23.10 46.89
CA ASP B 98 -50.59 -21.79 47.58
C ASP B 98 -51.08 -20.72 46.62
N PRO B 99 -52.09 -19.92 47.01
CA PRO B 99 -52.67 -18.91 46.12
C PRO B 99 -51.73 -17.78 45.71
N LYS B 100 -50.98 -17.21 46.65
CA LYS B 100 -50.01 -16.14 46.36
C LYS B 100 -48.88 -16.68 45.48
N TYR B 101 -48.42 -17.90 45.77
CA TYR B 101 -47.30 -18.50 45.00
C TYR B 101 -47.61 -18.39 43.52
N GLN B 102 -48.81 -18.80 43.16
CA GLN B 102 -49.16 -18.80 41.71
C GLN B 102 -49.12 -17.36 41.25
N GLY B 103 -49.60 -16.46 42.09
CA GLY B 103 -49.62 -15.04 41.70
C GLY B 103 -48.20 -14.56 41.45
N LEU B 104 -47.29 -14.90 42.35
CA LEU B 104 -45.89 -14.43 42.21
C LEU B 104 -45.31 -15.02 40.94
N ARG B 105 -45.58 -16.29 40.66
CA ARG B 105 -44.96 -16.91 39.47
C ARG B 105 -45.46 -16.20 38.22
N ALA B 106 -46.75 -15.89 38.20
CA ALA B 106 -47.32 -15.22 37.01
C ALA B 106 -46.74 -13.81 36.86
N ARG B 107 -46.54 -13.12 37.98
CA ARG B 107 -45.99 -11.75 37.93
C ARG B 107 -44.60 -11.88 37.34
N GLY B 108 -43.90 -12.93 37.74
CA GLY B 108 -42.55 -13.15 37.20
C GLY B 108 -42.62 -13.35 35.70
N ARG B 109 -43.58 -14.15 35.26
CA ARG B 109 -43.71 -14.39 33.81
C ARG B 109 -43.97 -13.05 33.12
N GLU B 110 -44.83 -12.21 33.70
CA GLU B 110 -45.20 -10.92 33.05
C GLU B 110 -43.96 -10.03 32.97
N ILE B 111 -43.19 -9.99 34.05
CA ILE B 111 -42.00 -9.10 34.05
C ILE B 111 -41.07 -9.64 32.98
N ARG B 112 -40.93 -10.95 32.87
CA ARG B 112 -39.97 -11.52 31.89
C ARG B 112 -40.42 -11.10 30.50
N LYS B 113 -41.71 -11.22 30.22
CA LYS B 113 -42.12 -10.89 28.84
C LYS B 113 -41.86 -9.41 28.61
N GLU B 114 -42.14 -8.58 29.60
CA GLU B 114 -41.99 -7.12 29.42
C GLU B 114 -40.52 -6.80 29.18
N LEU B 115 -39.62 -7.45 29.93
CA LEU B 115 -38.17 -7.25 29.72
C LEU B 115 -37.83 -7.67 28.29
N VAL B 116 -38.35 -8.80 27.83
CA VAL B 116 -37.96 -9.31 26.49
C VAL B 116 -38.33 -8.27 25.44
N HIS B 117 -39.51 -7.69 25.54
CA HIS B 117 -39.85 -6.62 24.58
C HIS B 117 -38.96 -5.39 24.77
N LEU B 118 -38.72 -4.98 26.00
CA LEU B 118 -37.94 -3.74 26.24
C LEU B 118 -36.48 -3.87 25.80
N TYR B 119 -35.88 -5.06 25.92
CA TYR B 119 -34.44 -5.24 25.61
C TYR B 119 -34.06 -4.69 24.22
N PRO B 120 -34.70 -5.12 23.10
CA PRO B 120 -34.28 -4.67 21.78
C PRO B 120 -34.38 -3.16 21.63
N ARG B 121 -35.39 -2.54 22.21
CA ARG B 121 -35.58 -1.08 22.01
C ARG B 121 -34.34 -0.37 22.56
N GLU B 122 -33.83 -0.84 23.70
CA GLU B 122 -32.63 -0.20 24.30
C GLU B 122 -31.45 -0.35 23.33
N ALA B 123 -31.28 -1.53 22.75
CA ALA B 123 -30.11 -1.74 21.86
C ALA B 123 -30.21 -0.79 20.66
N GLN B 124 -31.40 -0.64 20.10
CA GLN B 124 -31.58 0.24 18.91
C GLN B 124 -31.25 1.67 19.31
N LEU B 125 -31.71 2.08 20.49
CA LEU B 125 -31.43 3.45 20.98
C LEU B 125 -29.92 3.59 21.17
N GLU B 126 -29.26 2.55 21.70
CA GLU B 126 -27.81 2.66 21.99
C GLU B 126 -27.10 2.91 20.66
N GLU B 127 -27.45 2.15 19.63
CA GLU B 127 -26.74 2.32 18.35
C GLU B 127 -27.02 3.73 17.83
N GLN B 128 -28.26 4.18 17.91
CA GLN B 128 -28.61 5.49 17.32
C GLN B 128 -27.84 6.57 18.05
N PHE B 129 -27.81 6.49 19.37
CA PHE B 129 -27.11 7.56 20.12
C PHE B 129 -25.64 7.47 19.75
N TYR B 130 -25.09 6.26 19.76
CA TYR B 130 -23.64 6.13 19.54
C TYR B 130 -23.25 6.53 18.12
N LEU B 131 -24.00 6.10 17.10
CA LEU B 131 -23.53 6.43 15.74
C LEU B 131 -23.55 7.95 15.55
N GLN B 132 -24.61 8.63 15.97
CA GLN B 132 -24.67 10.11 15.85
C GLN B 132 -23.62 10.71 16.79
N ALA B 133 -23.45 10.13 17.98
CA ALA B 133 -22.49 10.66 18.96
C ALA B 133 -21.06 10.59 18.41
N LEU B 134 -20.73 9.51 17.72
CA LEU B 134 -19.33 9.38 17.25
C LEU B 134 -19.04 10.43 16.17
N LYS B 135 -20.07 10.93 15.49
CA LYS B 135 -19.87 12.02 14.50
C LYS B 135 -19.74 13.36 15.23
N LEU B 136 -19.71 13.34 16.56
CA LEU B 136 -19.66 14.59 17.35
C LEU B 136 -18.21 15.03 17.54
N PRO B 137 -17.87 16.28 17.19
CA PRO B 137 -16.50 16.75 17.24
C PRO B 137 -15.84 17.06 18.59
N ASN B 138 -14.52 17.08 18.61
CA ASN B 138 -13.78 17.45 19.84
C ASN B 138 -13.88 18.94 19.98
N GLN B 139 -13.49 19.45 21.14
CA GLN B 139 -13.63 20.89 21.44
C GLN B 139 -12.52 21.67 20.77
N THR B 140 -12.54 22.98 20.91
CA THR B 140 -11.54 23.83 20.22
C THR B 140 -10.83 24.74 21.22
N HIS B 141 -9.54 24.99 21.01
CA HIS B 141 -8.82 25.97 21.87
C HIS B 141 -9.50 27.32 21.68
N PRO B 142 -9.58 28.19 22.71
CA PRO B 142 -10.15 29.52 22.53
C PRO B 142 -9.34 30.32 21.50
N ASP B 143 -8.02 30.15 21.49
CA ASP B 143 -7.13 30.92 20.56
C ASP B 143 -7.45 30.56 19.10
N VAL B 144 -8.01 29.38 18.85
CA VAL B 144 -8.32 28.92 17.47
C VAL B 144 -9.14 29.98 16.75
N PRO B 145 -8.73 30.46 15.55
CA PRO B 145 -9.49 31.43 14.79
C PRO B 145 -10.77 30.78 14.27
N VAL B 146 -11.79 31.59 14.01
CA VAL B 146 -13.11 31.02 13.57
C VAL B 146 -13.32 31.38 12.11
N GLY B 147 -13.66 30.39 11.28
CA GLY B 147 -13.97 30.71 9.88
C GLY B 147 -13.34 29.74 8.91
N ASP B 148 -13.30 30.12 7.63
CA ASP B 148 -12.71 29.26 6.58
C ASP B 148 -11.19 29.44 6.55
N GLU B 149 -10.52 28.78 5.62
CA GLU B 149 -9.04 28.87 5.52
C GLU B 149 -8.65 30.33 5.29
N SER B 150 -9.56 31.11 4.73
CA SER B 150 -9.29 32.56 4.49
C SER B 150 -9.02 33.26 5.81
N GLN B 151 -9.59 32.75 6.91
CA GLN B 151 -9.44 33.44 8.21
C GLN B 151 -8.32 32.81 9.03
N ALA B 152 -7.27 32.33 8.37
CA ALA B 152 -6.13 31.74 9.09
C ALA B 152 -5.31 32.83 9.80
N ARG B 153 -4.61 32.46 10.87
CA ARG B 153 -3.74 33.43 11.59
C ARG B 153 -2.28 33.03 11.38
N VAL B 154 -1.43 33.96 10.96
CA VAL B 154 -0.02 33.57 10.67
C VAL B 154 0.79 33.72 11.96
N LEU B 155 1.10 32.60 12.61
CA LEU B 155 1.90 32.63 13.86
C LEU B 155 3.33 33.10 13.57
N HIS B 156 3.97 32.58 12.51
CA HIS B 156 5.39 32.92 12.25
C HIS B 156 5.68 32.96 10.75
N MET B 157 6.68 33.72 10.33
CA MET B 157 7.12 33.73 8.91
C MET B 157 8.65 33.67 8.92
N VAL B 158 9.22 32.65 8.27
CA VAL B 158 10.69 32.46 8.32
C VAL B 158 11.20 32.45 6.88
N GLY B 159 12.35 33.03 6.65
CA GLY B 159 12.97 32.97 5.32
C GLY B 159 12.50 34.08 4.43
N ASP B 160 13.02 34.12 3.21
CA ASP B 160 12.61 35.17 2.25
C ASP B 160 12.36 34.50 0.92
N LYS B 161 11.47 35.08 0.12
CA LYS B 161 11.14 34.43 -1.16
C LYS B 161 12.41 34.42 -2.00
N PRO B 162 12.73 33.31 -2.70
CA PRO B 162 13.89 33.25 -3.56
C PRO B 162 13.87 34.29 -4.68
N VAL B 163 15.04 34.82 -5.03
CA VAL B 163 15.15 35.86 -6.10
C VAL B 163 15.54 35.20 -7.42
N PHE B 164 14.79 35.48 -8.48
CA PHE B 164 15.07 34.76 -9.74
C PHE B 164 15.26 35.69 -10.93
N SER B 165 16.35 35.49 -11.67
CA SER B 165 16.56 36.25 -12.92
C SER B 165 15.52 35.81 -13.95
N PHE B 166 15.27 34.50 -14.04
CA PHE B 166 14.36 33.96 -15.07
C PHE B 166 12.96 33.79 -14.49
N GLN B 167 11.96 33.64 -15.35
CA GLN B 167 10.60 33.34 -14.84
C GLN B 167 10.71 31.99 -14.16
N PRO B 168 10.15 31.81 -12.95
CA PRO B 168 10.28 30.55 -12.26
C PRO B 168 9.60 29.47 -13.09
N ARG B 169 10.18 28.27 -13.11
CA ARG B 169 9.60 27.18 -13.92
C ARG B 169 9.10 26.08 -13.00
N GLY B 170 8.03 25.39 -13.41
CA GLY B 170 7.38 24.39 -12.54
C GLY B 170 8.14 23.12 -12.34
N HIS B 171 7.83 22.42 -11.25
CA HIS B 171 8.54 21.18 -10.91
C HIS B 171 8.38 20.16 -12.02
N LEU B 172 7.20 20.04 -12.61
CA LEU B 172 7.00 18.96 -13.59
C LEU B 172 7.91 19.20 -14.79
N GLU B 173 8.02 20.44 -15.25
CA GLU B 173 8.95 20.73 -16.37
C GLU B 173 10.38 20.47 -15.93
N ILE B 174 10.75 20.93 -14.74
CA ILE B 174 12.15 20.77 -14.30
C ILE B 174 12.39 19.28 -14.22
N GLY B 175 11.44 18.55 -13.70
CA GLY B 175 11.64 17.12 -13.49
C GLY B 175 11.80 16.35 -14.77
N GLU B 176 10.97 16.67 -15.75
CA GLU B 176 11.02 15.90 -17.01
C GLU B 176 12.33 16.19 -17.70
N LYS B 177 12.79 17.43 -17.60
CA LYS B 177 14.03 17.79 -18.29
C LYS B 177 15.13 16.94 -17.68
N LEU B 178 15.12 16.78 -16.37
CA LEU B 178 16.22 16.03 -15.72
C LEU B 178 15.80 14.58 -15.56
N ASP B 179 14.61 14.23 -16.03
CA ASP B 179 14.10 12.84 -15.94
C ASP B 179 14.21 12.35 -14.51
N ILE B 180 13.74 13.15 -13.55
CA ILE B 180 13.72 12.70 -12.14
C ILE B 180 12.28 12.43 -11.71
N ILE B 181 11.30 12.87 -12.50
CA ILE B 181 9.85 12.62 -12.21
C ILE B 181 9.13 12.21 -13.49
N ARG B 182 8.22 11.23 -13.42
CA ARG B 182 7.40 10.89 -14.61
C ARG B 182 5.92 10.87 -14.23
N GLN B 183 5.09 11.68 -14.89
CA GLN B 183 3.62 11.60 -14.68
C GLN B 183 3.00 11.54 -16.06
N LYS B 184 3.69 10.96 -17.04
CA LYS B 184 3.19 10.96 -18.43
C LYS B 184 2.87 9.54 -18.89
N ARG B 185 1.69 9.35 -19.46
CA ARG B 185 1.27 8.03 -19.98
C ARG B 185 1.28 6.99 -18.86
N LEU B 186 0.79 7.38 -17.69
CA LEU B 186 0.70 6.42 -16.56
C LEU B 186 -0.75 6.02 -16.36
N SER B 187 -1.66 6.47 -17.20
CA SER B 187 -3.12 6.23 -17.02
C SER B 187 -3.46 4.74 -17.05
N HIS B 188 -2.82 3.99 -17.92
CA HIS B 188 -3.21 2.57 -18.03
C HIS B 188 -2.29 1.73 -17.17
N VAL B 189 -1.41 2.38 -16.42
CA VAL B 189 -0.43 1.61 -15.60
C VAL B 189 -0.66 1.83 -14.11
N SER B 190 -0.82 3.07 -13.66
CA SER B 190 -0.92 3.31 -12.20
C SER B 190 -2.09 4.22 -11.86
N GLY B 191 -2.56 4.99 -12.83
CA GLY B 191 -3.72 5.87 -12.59
C GLY B 191 -3.34 7.32 -12.72
N HIS B 192 -4.31 8.22 -12.70
CA HIS B 192 -3.99 9.66 -12.72
C HIS B 192 -3.49 10.05 -11.34
N ARG B 193 -2.75 11.16 -11.23
CA ARG B 193 -2.16 11.57 -9.94
C ARG B 193 -1.25 10.46 -9.45
N SER B 194 -0.57 9.78 -10.38
CA SER B 194 0.40 8.73 -9.99
C SER B 194 1.75 9.16 -10.56
N TYR B 195 2.83 8.88 -9.85
CA TYR B 195 4.12 9.42 -10.32
C TYR B 195 5.26 8.42 -10.15
N TYR B 196 6.27 8.53 -11.00
CA TYR B 196 7.48 7.71 -10.82
C TYR B 196 8.62 8.72 -10.62
N LEU B 197 9.45 8.51 -9.60
CA LEU B 197 10.62 9.39 -9.35
C LEU B 197 11.85 8.59 -9.72
N ARG B 198 12.80 9.19 -10.43
CA ARG B 198 13.97 8.43 -10.92
C ARG B 198 15.26 9.17 -10.55
N GLY B 199 16.31 8.42 -10.22
CA GLY B 199 17.62 9.05 -9.98
C GLY B 199 17.59 10.04 -8.83
N ALA B 200 17.95 11.28 -9.11
CA ALA B 200 18.08 12.29 -8.04
C ALA B 200 16.75 12.50 -7.32
N GLY B 201 15.63 12.42 -8.03
CA GLY B 201 14.32 12.55 -7.35
C GLY B 201 14.16 11.45 -6.33
N ALA B 202 14.53 10.23 -6.68
CA ALA B 202 14.48 9.13 -5.70
C ALA B 202 15.44 9.43 -4.57
N LEU B 203 16.63 9.93 -4.90
CA LEU B 203 17.66 10.24 -3.88
C LEU B 203 17.13 11.35 -2.97
N LEU B 204 16.46 12.33 -3.56
CA LEU B 204 15.95 13.48 -2.78
C LEU B 204 14.93 12.94 -1.76
N GLN B 205 14.04 12.04 -2.19
CA GLN B 205 13.04 11.45 -1.27
C GLN B 205 13.75 10.64 -0.20
N HIS B 206 14.74 9.84 -0.62
CA HIS B 206 15.46 8.96 0.34
C HIS B 206 16.17 9.86 1.34
N GLY B 207 16.80 10.92 0.84
CA GLY B 207 17.53 11.84 1.73
C GLY B 207 16.60 12.56 2.67
N LEU B 208 15.46 13.04 2.18
CA LEU B 208 14.56 13.83 3.05
C LEU B 208 14.07 12.93 4.17
N VAL B 209 13.70 11.71 3.85
CA VAL B 209 13.18 10.77 4.89
C VAL B 209 14.32 10.45 5.86
N ASN B 210 15.50 10.12 5.35
CA ASN B 210 16.62 9.73 6.22
C ASN B 210 17.08 10.92 7.06
N PHE B 211 17.13 12.11 6.47
CA PHE B 211 17.51 13.31 7.23
C PHE B 211 16.49 13.51 8.34
N THR B 212 15.22 13.50 7.99
CA THR B 212 14.19 13.82 9.00
C THR B 212 14.21 12.75 10.09
N PHE B 213 14.25 11.49 9.68
CA PHE B 213 14.26 10.38 10.65
C PHE B 213 15.45 10.54 11.58
N ASN B 214 16.62 10.82 11.02
CA ASN B 214 17.83 10.86 11.87
C ASN B 214 17.69 11.96 12.93
N LYS B 215 17.20 13.13 12.54
CA LYS B 215 17.13 14.23 13.53
C LYS B 215 16.21 13.78 14.64
N LEU B 216 15.08 13.18 14.28
CA LEU B 216 14.08 12.79 15.30
C LEU B 216 14.68 11.72 16.22
N LEU B 217 15.42 10.76 15.66
CA LEU B 217 15.99 9.67 16.49
C LEU B 217 16.94 10.30 17.50
N ARG B 218 17.73 11.27 17.05
CA ARG B 218 18.72 11.95 17.93
C ARG B 218 18.00 12.70 19.05
N ARG B 219 16.81 13.22 18.77
CA ARG B 219 16.04 13.99 19.78
C ARG B 219 15.28 13.00 20.68
N GLY B 220 15.43 11.69 20.46
CA GLY B 220 14.82 10.70 21.37
C GLY B 220 13.51 10.10 20.90
N PHE B 221 13.07 10.41 19.67
CA PHE B 221 11.86 9.77 19.14
C PHE B 221 12.11 8.27 18.99
N THR B 222 11.13 7.44 19.34
CA THR B 222 11.27 5.97 19.25
C THR B 222 10.89 5.52 17.84
N PRO B 223 11.76 4.79 17.12
CA PRO B 223 11.40 4.30 15.80
C PRO B 223 10.28 3.26 15.82
N MET B 224 9.39 3.30 14.83
CA MET B 224 8.29 2.30 14.73
C MET B 224 8.00 1.92 13.29
N THR B 225 7.52 0.69 13.05
CA THR B 225 7.10 0.24 11.70
C THR B 225 5.62 -0.13 11.82
N VAL B 226 4.75 0.45 10.99
CA VAL B 226 3.28 0.26 11.15
C VAL B 226 2.76 -0.62 10.02
N PRO B 227 1.89 -1.61 10.27
CA PRO B 227 1.29 -2.39 9.20
C PRO B 227 0.48 -1.45 8.31
N ASP B 228 0.69 -1.52 7.00
CA ASP B 228 -0.01 -0.60 6.07
C ASP B 228 -1.50 -0.92 5.96
N LEU B 229 -1.84 -2.20 5.96
CA LEU B 229 -3.28 -2.62 5.89
C LEU B 229 -3.85 -2.66 7.31
N LEU B 230 -4.92 -1.91 7.56
CA LEU B 230 -5.50 -1.82 8.92
C LEU B 230 -7.02 -1.96 8.85
N ARG B 231 -7.66 -2.34 9.96
CA ARG B 231 -9.13 -2.49 9.99
C ARG B 231 -9.77 -1.12 10.12
N GLY B 232 -11.04 -0.99 9.77
CA GLY B 232 -11.69 0.35 9.72
C GLY B 232 -11.88 1.07 11.03
N ALA B 233 -12.14 0.37 12.10
CA ALA B 233 -12.49 1.06 13.35
C ALA B 233 -11.37 2.00 13.76
N VAL B 234 -10.13 1.59 13.54
CA VAL B 234 -8.99 2.42 14.00
C VAL B 234 -9.10 3.75 13.28
N PHE B 235 -9.51 3.72 12.01
CA PHE B 235 -9.68 4.97 11.26
C PHE B 235 -10.75 5.79 11.94
N GLU B 236 -11.83 5.14 12.36
CA GLU B 236 -12.94 5.84 13.04
C GLU B 236 -12.41 6.40 14.35
N GLY B 237 -11.56 5.63 15.02
CA GLY B 237 -11.02 6.07 16.31
C GLY B 237 -10.22 7.33 16.15
N CYS B 238 -9.46 7.44 15.07
CA CYS B 238 -8.58 8.61 14.86
C CYS B 238 -9.43 9.76 14.37
N GLY B 239 -10.72 9.52 14.18
CA GLY B 239 -11.63 10.62 13.78
C GLY B 239 -11.84 10.63 12.30
N MET B 240 -11.33 9.61 11.60
CA MET B 240 -11.47 9.55 10.12
C MET B 240 -12.71 8.69 9.80
N THR B 241 -13.45 9.03 8.75
CA THR B 241 -14.70 8.29 8.46
C THR B 241 -14.55 7.42 7.22
N PRO B 242 -14.36 6.09 7.34
CA PRO B 242 -14.33 5.20 6.19
C PRO B 242 -15.72 5.11 5.55
N ASN B 243 -16.78 5.19 6.36
CA ASN B 243 -18.16 5.02 5.85
C ASN B 243 -18.61 6.19 4.98
N ALA B 244 -17.84 7.28 4.91
CA ALA B 244 -18.31 8.47 4.16
C ALA B 244 -18.47 8.13 2.68
N ASN B 245 -19.50 8.69 2.02
CA ASN B 245 -19.73 8.42 0.56
C ASN B 245 -18.55 8.94 -0.26
N PRO B 246 -18.04 10.18 -0.06
CA PRO B 246 -16.83 10.61 -0.76
C PRO B 246 -15.64 10.23 0.12
N SER B 247 -15.39 8.93 0.28
CA SER B 247 -14.30 8.46 1.19
C SER B 247 -12.92 8.66 0.57
N GLN B 248 -11.96 9.07 1.38
CA GLN B 248 -10.56 9.22 0.89
C GLN B 248 -9.78 7.98 1.34
N ILE B 249 -10.50 7.00 1.89
CA ILE B 249 -9.85 5.72 2.33
C ILE B 249 -10.06 4.66 1.24
N TYR B 250 -8.97 4.07 0.74
CA TYR B 250 -9.06 2.99 -0.25
C TYR B 250 -9.41 1.71 0.49
N ASN B 251 -10.36 0.96 -0.05
CA ASN B 251 -10.82 -0.27 0.65
C ASN B 251 -10.50 -1.48 -0.22
N ILE B 252 -9.92 -2.52 0.38
CA ILE B 252 -9.67 -3.78 -0.40
C ILE B 252 -11.05 -4.40 -0.63
N ASP B 253 -11.25 -5.19 -1.70
CA ASP B 253 -12.60 -5.68 -2.04
C ASP B 253 -13.20 -6.33 -0.80
N PRO B 254 -14.41 -5.92 -0.37
CA PRO B 254 -15.04 -6.50 0.80
C PRO B 254 -15.36 -7.98 0.56
N ALA B 255 -15.81 -8.29 -0.65
CA ALA B 255 -16.15 -9.69 -0.95
C ALA B 255 -14.88 -10.54 -0.84
N ARG B 256 -13.79 -10.05 -1.43
CA ARG B 256 -12.52 -10.81 -1.43
C ARG B 256 -11.92 -10.86 -0.02
N PHE B 257 -11.78 -9.71 0.65
CA PHE B 257 -11.12 -9.65 1.98
C PHE B 257 -11.96 -8.80 2.93
N LYS B 258 -11.87 -9.04 4.24
CA LYS B 258 -12.78 -8.34 5.18
C LYS B 258 -12.09 -7.23 5.96
N ASP B 259 -12.63 -6.01 5.92
CA ASP B 259 -12.12 -4.89 6.74
C ASP B 259 -10.62 -4.68 6.59
N LEU B 260 -10.11 -4.74 5.37
CA LEU B 260 -8.69 -4.37 5.20
C LEU B 260 -8.69 -3.05 4.44
N ASN B 261 -8.23 -1.97 5.08
CA ASN B 261 -8.27 -0.63 4.44
C ASN B 261 -6.85 -0.07 4.39
N LEU B 262 -6.54 0.71 3.36
CA LEU B 262 -5.20 1.32 3.22
C LEU B 262 -5.13 2.60 4.04
N ALA B 263 -3.93 2.97 4.52
CA ALA B 263 -3.79 4.13 5.42
C ALA B 263 -3.27 5.37 4.71
N GLY B 264 -3.85 6.52 5.02
CA GLY B 264 -3.38 7.79 4.44
C GLY B 264 -2.41 8.48 5.37
N THR B 265 -2.15 7.89 6.54
CA THR B 265 -1.16 8.42 7.50
C THR B 265 -0.72 7.24 8.35
N ALA B 266 0.36 7.36 9.11
CA ALA B 266 0.75 6.28 10.02
C ALA B 266 0.07 6.55 11.34
N GLU B 267 -0.57 7.71 11.46
CA GLU B 267 -1.33 8.01 12.68
C GLU B 267 -2.17 6.79 13.01
N VAL B 268 -2.77 6.19 11.99
CA VAL B 268 -3.71 5.08 12.29
C VAL B 268 -2.97 3.91 12.91
N GLY B 269 -1.85 3.51 12.35
CA GLY B 269 -1.20 2.30 12.88
C GLY B 269 -0.68 2.54 14.28
N LEU B 270 -0.11 3.71 14.47
CA LEU B 270 0.50 4.00 15.78
C LEU B 270 -0.63 4.02 16.81
N ALA B 271 -1.77 4.56 16.43
CA ALA B 271 -2.91 4.56 17.36
C ALA B 271 -3.29 3.13 17.68
N GLY B 272 -3.21 2.25 16.70
CA GLY B 272 -3.56 0.84 16.90
C GLY B 272 -2.64 0.22 17.92
N TYR B 273 -1.38 0.63 17.89
CA TYR B 273 -0.39 0.04 18.83
C TYR B 273 -0.88 0.39 20.22
N PHE B 274 -1.37 1.61 20.36
CA PHE B 274 -1.76 2.07 21.71
C PHE B 274 -3.22 1.70 22.03
N MET B 275 -3.96 1.18 21.06
CA MET B 275 -5.40 0.90 21.27
C MET B 275 -5.62 -0.16 22.33
N ASP B 276 -6.59 0.06 23.23
CA ASP B 276 -6.98 -0.97 24.23
C ASP B 276 -5.75 -1.44 24.97
N HIS B 277 -4.76 -0.56 25.16
CA HIS B 277 -3.53 -0.90 25.91
C HIS B 277 -3.15 0.28 26.81
N THR B 278 -2.35 0.05 27.86
CA THR B 278 -2.03 1.15 28.79
C THR B 278 -0.53 1.45 28.80
N VAL B 279 -0.18 2.72 29.00
CA VAL B 279 1.25 3.10 29.11
C VAL B 279 1.55 3.52 30.55
N ALA B 280 2.79 3.37 31.01
CA ALA B 280 3.19 3.85 32.34
C ALA B 280 3.46 5.36 32.36
N PHE B 281 3.29 6.00 33.51
CA PHE B 281 3.48 7.48 33.64
C PHE B 281 4.93 7.85 33.38
N ARG B 282 5.86 7.02 33.84
CA ARG B 282 7.30 7.38 33.71
C ARG B 282 7.63 7.52 32.23
N ASP B 283 7.06 6.68 31.39
CA ASP B 283 7.36 6.69 29.95
C ASP B 283 6.92 8.02 29.35
N LEU B 284 5.81 8.57 29.81
CA LEU B 284 5.28 9.80 29.21
C LEU B 284 6.28 10.92 29.40
N PRO B 285 6.44 11.88 28.46
CA PRO B 285 5.82 11.80 27.14
C PRO B 285 6.43 10.74 26.22
N VAL B 286 5.57 9.98 25.55
CA VAL B 286 6.08 8.96 24.59
C VAL B 286 6.12 9.57 23.20
N ARG B 287 7.31 9.61 22.61
CA ARG B 287 7.49 10.20 21.27
C ARG B 287 7.92 9.07 20.32
N MET B 288 7.20 8.89 19.21
CA MET B 288 7.54 7.84 18.24
C MET B 288 7.60 8.46 16.84
N VAL B 289 8.51 7.97 16.01
CA VAL B 289 8.65 8.46 14.62
C VAL B 289 8.42 7.25 13.70
N CYS B 290 7.62 7.43 12.67
CA CYS B 290 7.33 6.33 11.73
C CYS B 290 7.43 6.81 10.29
N SER B 291 7.82 5.92 9.39
CA SER B 291 7.85 6.24 7.95
C SER B 291 6.80 5.36 7.28
N SER B 292 5.91 5.97 6.51
CA SER B 292 4.79 5.17 5.97
C SER B 292 4.52 5.45 4.50
N THR B 293 4.12 4.41 3.78
CA THR B 293 3.65 4.68 2.41
C THR B 293 2.19 5.03 2.62
N CYS B 294 1.79 6.23 2.25
CA CYS B 294 0.42 6.67 2.56
C CYS B 294 -0.41 6.70 1.30
N TYR B 295 -1.63 6.15 1.33
CA TYR B 295 -2.50 6.11 0.15
C TYR B 295 -3.76 6.92 0.43
N ARG B 296 -4.15 7.78 -0.50
CA ARG B 296 -5.33 8.66 -0.31
C ARG B 296 -6.15 8.79 -1.60
N ALA B 297 -7.47 8.51 -1.58
CA ALA B 297 -8.34 8.54 -2.78
C ALA B 297 -8.54 9.94 -3.33
N GLU B 298 -8.79 10.91 -2.46
CA GLU B 298 -8.87 12.34 -2.90
C GLU B 298 -9.81 12.54 -4.08
N THR B 299 -11.08 12.16 -3.95
CA THR B 299 -11.95 12.27 -5.14
C THR B 299 -12.39 13.72 -5.28
N ASN B 300 -11.53 14.60 -5.81
CA ASN B 300 -11.87 16.03 -6.06
C ASN B 300 -12.34 16.70 -4.78
N THR B 301 -11.74 16.36 -3.63
CA THR B 301 -12.07 17.03 -2.34
C THR B 301 -10.94 18.01 -2.01
N PRO B 305 -4.82 19.45 -9.64
CA PRO B 305 -5.07 19.13 -11.05
C PRO B 305 -4.02 18.14 -11.54
N ARG B 306 -2.76 18.47 -11.31
CA ARG B 306 -1.66 17.61 -11.80
C ARG B 306 -0.40 17.98 -11.01
N GLY B 307 0.72 17.33 -11.32
CA GLY B 307 1.92 17.61 -10.54
C GLY B 307 1.92 16.78 -9.30
N LEU B 308 2.92 16.96 -8.45
CA LEU B 308 3.06 16.11 -7.26
C LEU B 308 2.35 16.78 -6.08
N TYR B 309 1.66 17.89 -6.33
CA TYR B 309 0.94 18.62 -5.26
C TYR B 309 -0.15 17.75 -4.67
N ARG B 310 -0.92 17.05 -5.49
CA ARG B 310 -1.94 16.12 -4.96
C ARG B 310 -1.75 14.76 -5.61
N VAL B 311 -1.42 13.75 -4.82
CA VAL B 311 -1.11 12.42 -5.40
C VAL B 311 -1.75 11.33 -4.56
N HIS B 312 -1.95 10.15 -5.12
CA HIS B 312 -2.63 9.06 -4.40
C HIS B 312 -1.65 8.26 -3.55
N HIS B 313 -0.39 8.16 -3.96
CA HIS B 313 0.64 7.49 -3.13
C HIS B 313 1.71 8.49 -2.70
N PHE B 314 2.02 8.54 -1.40
CA PHE B 314 3.04 9.47 -0.90
C PHE B 314 3.83 8.84 0.23
N THR B 315 5.09 9.25 0.42
CA THR B 315 5.88 8.76 1.56
C THR B 315 5.96 9.87 2.57
N LYS B 316 5.58 9.60 3.83
CA LYS B 316 5.51 10.66 4.85
C LYS B 316 6.11 10.13 6.15
N VAL B 317 6.86 10.96 6.87
CA VAL B 317 7.39 10.54 8.19
C VAL B 317 6.56 11.27 9.20
N GLU B 318 6.00 10.54 10.15
CA GLU B 318 5.02 11.16 11.05
C GLU B 318 5.55 11.15 12.46
N MET B 319 5.33 12.25 13.16
CA MET B 319 5.69 12.26 14.58
C MET B 319 4.37 12.08 15.32
N PHE B 320 4.28 11.09 16.19
CA PHE B 320 3.06 10.90 16.99
C PHE B 320 3.48 10.83 18.44
N GLY B 321 2.64 11.30 19.36
CA GLY B 321 2.99 11.15 20.77
C GLY B 321 1.82 10.94 21.67
N VAL B 322 2.00 10.17 22.73
CA VAL B 322 0.95 10.02 23.77
C VAL B 322 1.47 10.80 24.95
N THR B 323 0.71 11.76 25.48
CA THR B 323 1.29 12.62 26.53
C THR B 323 0.65 12.39 27.90
N GLY B 324 1.07 13.17 28.90
CA GLY B 324 0.57 13.03 30.29
C GLY B 324 -0.82 13.59 30.45
N PRO B 325 -1.44 13.50 31.65
CA PRO B 325 -2.83 13.89 31.82
C PRO B 325 -3.15 15.34 31.47
N GLY B 326 -2.26 16.27 31.81
CA GLY B 326 -2.56 17.69 31.62
C GLY B 326 -2.76 18.06 30.16
N LEU B 327 -3.70 18.96 29.89
CA LEU B 327 -3.86 19.48 28.53
C LEU B 327 -2.56 20.18 28.18
N GLU B 328 -1.95 20.85 29.17
CA GLU B 328 -0.68 21.56 28.94
C GLU B 328 0.38 20.55 28.52
N GLN B 329 0.36 19.37 29.14
CA GLN B 329 1.31 18.30 28.72
C GLN B 329 1.13 18.05 27.22
N SER B 330 -0.09 18.08 26.72
CA SER B 330 -0.35 17.83 25.29
C SER B 330 0.09 19.05 24.52
N SER B 331 -0.26 20.23 25.02
CA SER B 331 0.03 21.46 24.28
C SER B 331 1.54 21.62 24.13
N GLN B 332 2.29 21.27 25.17
CA GLN B 332 3.75 21.51 25.08
C GLN B 332 4.28 20.63 23.96
N LEU B 333 3.78 19.40 23.87
CA LEU B 333 4.26 18.49 22.81
C LEU B 333 3.86 19.12 21.48
N LEU B 334 2.71 19.78 21.39
CA LEU B 334 2.37 20.31 20.06
C LEU B 334 3.42 21.34 19.68
N GLU B 335 3.79 22.21 20.61
CA GLU B 335 4.78 23.27 20.31
C GLU B 335 6.11 22.62 20.01
N GLU B 336 6.44 21.58 20.75
CA GLU B 336 7.71 20.86 20.52
C GLU B 336 7.65 20.32 19.10
N PHE B 337 6.50 19.78 18.72
CA PHE B 337 6.37 19.15 17.38
C PHE B 337 6.52 20.19 16.29
N LEU B 338 5.90 21.34 16.44
CA LEU B 338 6.01 22.41 15.44
C LEU B 338 7.45 22.87 15.44
N SER B 339 8.07 22.94 16.60
CA SER B 339 9.44 23.47 16.63
C SER B 339 10.29 22.55 15.77
N LEU B 340 10.12 21.25 15.95
CA LEU B 340 10.95 20.31 15.19
C LEU B 340 10.60 20.53 13.73
N GLN B 341 9.32 20.73 13.44
CA GLN B 341 8.95 20.86 12.01
C GLN B 341 9.63 22.09 11.45
N MET B 342 9.59 23.19 12.17
CA MET B 342 10.14 24.45 11.62
C MET B 342 11.63 24.30 11.38
N GLU B 343 12.31 23.63 12.28
CA GLU B 343 13.77 23.46 12.15
C GLU B 343 14.07 22.68 10.90
N ILE B 344 13.30 21.63 10.66
CA ILE B 344 13.58 20.77 9.49
C ILE B 344 13.42 21.63 8.25
N LEU B 345 12.36 22.41 8.23
CA LEU B 345 12.13 23.19 7.00
C LEU B 345 13.29 24.17 6.82
N THR B 346 13.71 24.83 7.90
CA THR B 346 14.77 25.85 7.77
C THR B 346 16.05 25.19 7.33
N GLU B 347 16.37 24.05 7.93
CA GLU B 347 17.65 23.39 7.61
C GLU B 347 17.64 23.04 6.12
N LEU B 348 16.49 23.13 5.47
CA LEU B 348 16.43 22.88 4.02
C LEU B 348 16.42 24.22 3.32
N GLY B 349 16.67 25.29 4.06
CA GLY B 349 16.73 26.62 3.44
C GLY B 349 15.44 26.98 2.76
N LEU B 350 14.32 26.76 3.43
CA LEU B 350 13.01 27.00 2.78
C LEU B 350 12.32 28.21 3.39
N HIS B 351 11.53 28.95 2.61
CA HIS B 351 10.75 30.08 3.15
C HIS B 351 9.37 29.52 3.48
N PHE B 352 8.98 29.56 4.75
CA PHE B 352 7.71 28.93 5.15
C PHE B 352 6.90 29.83 6.06
N ARG B 353 5.58 29.66 6.09
CA ARG B 353 4.71 30.43 7.02
C ARG B 353 3.97 29.47 7.93
N VAL B 354 3.95 29.74 9.22
CA VAL B 354 3.25 28.87 10.21
C VAL B 354 1.89 29.46 10.43
N LEU B 355 0.84 28.68 10.21
CA LEU B 355 -0.52 29.23 10.27
C LEU B 355 -1.33 28.50 11.33
N ASP B 356 -2.13 29.23 12.11
CA ASP B 356 -3.05 28.55 13.05
C ASP B 356 -4.32 28.32 12.26
N MET B 357 -4.73 27.07 12.13
CA MET B 357 -5.88 26.80 11.23
C MET B 357 -7.19 27.17 11.92
N PRO B 358 -8.18 27.70 11.18
CA PRO B 358 -9.47 28.09 11.74
C PRO B 358 -10.38 26.92 12.05
N THR B 359 -11.51 27.19 12.68
CA THR B 359 -12.40 26.11 13.16
C THR B 359 -12.86 25.23 12.02
N GLN B 360 -13.25 25.81 10.91
CA GLN B 360 -13.83 24.95 9.84
C GLN B 360 -12.78 23.95 9.39
N GLU B 361 -11.52 24.35 9.36
CA GLU B 361 -10.46 23.47 8.82
C GLU B 361 -9.82 22.61 9.90
N LEU B 362 -10.25 22.76 11.14
CA LEU B 362 -9.58 22.01 12.23
C LEU B 362 -9.77 20.52 12.01
N GLY B 363 -10.96 20.09 11.65
CA GLY B 363 -11.19 18.64 11.55
C GLY B 363 -11.89 18.11 12.78
N LEU B 364 -12.52 16.94 12.67
CA LEU B 364 -13.33 16.42 13.78
C LEU B 364 -12.52 16.16 15.05
N PRO B 365 -11.32 15.55 15.01
CA PRO B 365 -10.65 15.20 16.25
C PRO B 365 -9.69 16.28 16.71
N ALA B 366 -9.88 17.50 16.23
CA ALA B 366 -8.86 18.53 16.51
C ALA B 366 -9.24 19.54 17.56
N TYR B 367 -8.41 19.65 18.60
CA TYR B 367 -8.61 20.73 19.59
C TYR B 367 -7.81 21.92 19.07
N ARG B 368 -6.57 21.68 18.61
CA ARG B 368 -5.76 22.76 18.00
C ARG B 368 -4.99 22.19 16.82
N LYS B 369 -4.88 22.94 15.72
CA LYS B 369 -4.05 22.48 14.58
C LYS B 369 -3.15 23.60 14.09
N PHE B 370 -1.86 23.30 13.93
CA PHE B 370 -0.94 24.29 13.33
C PHE B 370 -0.41 23.63 12.06
N ASP B 371 -0.48 24.36 10.96
CA ASP B 371 0.00 23.80 9.68
C ASP B 371 1.06 24.74 9.15
N ILE B 372 2.08 24.21 8.46
CA ILE B 372 3.09 25.11 7.84
C ILE B 372 2.90 25.10 6.33
N GLU B 373 2.84 26.28 5.72
CA GLU B 373 2.74 26.39 4.26
C GLU B 373 4.10 26.85 3.75
N ALA B 374 4.55 26.33 2.61
CA ALA B 374 5.90 26.64 2.11
C ALA B 374 5.84 27.40 0.80
N TRP B 375 6.90 28.15 0.50
CA TRP B 375 6.92 28.96 -0.73
C TRP B 375 7.28 28.07 -1.91
N MET B 376 6.37 27.95 -2.86
CA MET B 376 6.63 27.16 -4.07
C MET B 376 6.54 28.13 -5.22
N PRO B 377 7.69 28.58 -5.78
CA PRO B 377 7.69 29.64 -6.78
C PRO B 377 6.95 29.34 -8.10
N GLY B 378 7.07 28.15 -8.64
CA GLY B 378 6.44 27.92 -9.95
C GLY B 378 4.94 28.09 -9.82
N ARG B 379 4.37 27.55 -8.76
CA ARG B 379 2.92 27.74 -8.51
C ARG B 379 2.67 29.21 -8.21
N GLY B 380 3.63 29.87 -7.57
CA GLY B 380 3.48 31.29 -7.22
C GLY B 380 2.65 31.46 -5.97
N ARG B 381 2.50 30.37 -5.22
CA ARG B 381 1.63 30.41 -4.03
C ARG B 381 2.24 29.57 -2.92
N PHE B 382 1.81 29.80 -1.68
CA PHE B 382 2.25 28.95 -0.54
C PHE B 382 1.45 27.66 -0.57
N GLY B 383 2.00 26.59 0.00
CA GLY B 383 1.33 25.29 0.00
C GLY B 383 1.56 24.49 1.26
N GLU B 384 0.56 23.75 1.70
CA GLU B 384 0.67 23.02 2.99
C GLU B 384 1.67 21.89 2.85
N VAL B 385 2.63 21.83 3.77
CA VAL B 385 3.59 20.70 3.75
C VAL B 385 3.46 19.96 5.06
N THR B 386 2.98 20.64 6.09
CA THR B 386 2.94 19.97 7.41
C THR B 386 1.62 20.23 8.12
N SER B 387 1.14 19.24 8.84
CA SER B 387 -0.04 19.49 9.68
C SER B 387 0.36 19.05 11.08
N ALA B 388 0.17 19.91 12.07
CA ALA B 388 0.42 19.46 13.45
C ALA B 388 -0.84 19.67 14.27
N SER B 389 -1.29 18.66 14.99
CA SER B 389 -2.59 18.78 15.70
C SER B 389 -2.58 18.12 17.09
N ASN B 390 -3.35 18.67 18.03
CA ASN B 390 -3.52 18.04 19.36
C ASN B 390 -4.93 17.44 19.39
N CYS B 391 -5.04 16.12 19.44
CA CYS B 391 -6.38 15.48 19.35
C CYS B 391 -6.99 15.35 20.75
N THR B 392 -6.23 15.73 21.77
CA THR B 392 -6.74 15.71 23.16
C THR B 392 -7.20 14.28 23.49
N ASP B 393 -8.39 14.13 24.06
CA ASP B 393 -8.85 12.78 24.49
C ASP B 393 -9.75 12.15 23.45
N PHE B 394 -9.98 12.82 22.32
CA PHE B 394 -10.97 12.30 21.34
C PHE B 394 -10.54 10.91 20.86
N GLN B 395 -9.29 10.77 20.45
CA GLN B 395 -8.79 9.47 19.97
C GLN B 395 -8.71 8.48 21.14
N SER B 396 -8.24 8.95 22.29
CA SER B 396 -8.03 8.03 23.43
C SER B 396 -9.36 7.44 23.86
N ARG B 397 -10.39 8.27 23.92
CA ARG B 397 -11.70 7.76 24.40
C ARG B 397 -12.20 6.71 23.43
N ARG B 398 -12.10 6.96 22.13
CA ARG B 398 -12.59 6.01 21.11
C ARG B 398 -11.77 4.73 21.05
N LEU B 399 -10.44 4.81 21.14
CA LEU B 399 -9.60 3.60 20.95
C LEU B 399 -9.03 3.11 22.29
N HIS B 400 -9.53 3.67 23.39
CA HIS B 400 -9.10 3.18 24.73
C HIS B 400 -7.58 3.20 24.83
N ILE B 401 -6.97 4.38 24.66
CA ILE B 401 -5.52 4.52 24.89
C ILE B 401 -5.42 5.14 26.28
N MET B 402 -4.81 4.44 27.24
CA MET B 402 -4.86 4.98 28.62
C MET B 402 -3.49 4.94 29.30
N PHE B 403 -3.31 5.73 30.35
CA PHE B 403 -2.04 5.72 31.13
C PHE B 403 -2.32 5.31 32.58
N GLN B 404 -1.34 4.72 33.25
CA GLN B 404 -1.49 4.29 34.66
C GLN B 404 -0.71 5.25 35.55
N THR B 405 -1.38 5.82 36.56
CA THR B 405 -0.72 6.78 37.49
C THR B 405 0.09 6.01 38.53
N GLU B 406 0.86 6.73 39.36
CA GLU B 406 1.73 6.04 40.35
C GLU B 406 0.84 5.20 41.27
N ALA B 407 -0.30 5.76 41.69
CA ALA B 407 -1.26 5.01 42.53
C ALA B 407 -1.78 3.79 41.78
N GLY B 408 -2.02 3.92 40.47
CA GLY B 408 -2.50 2.80 39.67
C GLY B 408 -3.81 3.08 38.96
N GLU B 409 -4.30 4.29 39.09
CA GLU B 409 -5.53 4.64 38.34
C GLU B 409 -5.23 4.59 36.84
N LEU B 410 -6.15 4.03 36.04
CA LEU B 410 -5.99 4.08 34.58
C LEU B 410 -6.85 5.25 34.11
N GLN B 411 -6.25 6.19 33.40
CA GLN B 411 -7.00 7.38 32.93
C GLN B 411 -6.72 7.58 31.44
N PHE B 412 -7.63 8.26 30.73
CA PHE B 412 -7.50 8.43 29.27
C PHE B 412 -6.34 9.35 28.97
N ALA B 413 -5.59 9.03 27.92
CA ALA B 413 -4.39 9.81 27.56
C ALA B 413 -4.73 10.89 26.55
N HIS B 414 -3.71 11.64 26.15
CA HIS B 414 -3.91 12.66 25.09
C HIS B 414 -2.94 12.31 23.97
N THR B 415 -3.35 12.46 22.71
CA THR B 415 -2.50 12.09 21.57
C THR B 415 -2.28 13.30 20.68
N VAL B 416 -1.05 13.51 20.24
CA VAL B 416 -0.73 14.63 19.30
C VAL B 416 -0.08 14.03 18.05
N ASN B 417 -0.42 14.55 16.88
CA ASN B 417 0.11 14.01 15.60
C ASN B 417 0.77 15.14 14.82
N ALA B 418 1.91 14.87 14.20
CA ALA B 418 2.51 15.90 13.34
C ALA B 418 3.26 15.29 12.18
N THR B 419 3.30 15.99 11.04
CA THR B 419 3.97 15.48 9.81
C THR B 419 5.41 15.99 9.79
N ALA B 420 6.36 15.11 10.11
CA ALA B 420 7.78 15.50 10.10
C ALA B 420 8.26 15.83 8.69
N CYS B 421 7.96 14.95 7.72
CA CYS B 421 8.37 15.20 6.32
C CYS B 421 7.34 14.59 5.37
N ALA B 422 6.76 15.40 4.49
CA ALA B 422 5.89 14.84 3.43
C ALA B 422 6.69 14.96 2.15
N VAL B 423 7.08 13.85 1.54
CA VAL B 423 8.01 13.94 0.37
C VAL B 423 7.45 14.70 -0.82
N PRO B 424 6.20 14.50 -1.30
CA PRO B 424 5.78 15.14 -2.56
C PRO B 424 5.80 16.67 -2.65
N ARG B 425 5.20 17.34 -1.68
CA ARG B 425 5.13 18.82 -1.70
C ARG B 425 6.51 19.42 -1.46
N LEU B 426 7.30 18.81 -0.58
CA LEU B 426 8.64 19.33 -0.25
C LEU B 426 9.53 19.23 -1.49
N LEU B 427 9.47 18.10 -2.18
CA LEU B 427 10.26 17.97 -3.43
C LEU B 427 9.84 19.13 -4.31
N ILE B 428 8.57 19.45 -4.35
CA ILE B 428 8.19 20.51 -5.31
C ILE B 428 8.90 21.80 -4.94
N ALA B 429 8.84 22.19 -3.69
CA ALA B 429 9.40 23.51 -3.30
C ALA B 429 10.90 23.51 -3.45
N LEU B 430 11.57 22.46 -3.01
CA LEU B 430 13.03 22.50 -3.06
C LEU B 430 13.40 22.66 -4.52
N LEU B 431 12.72 21.92 -5.39
CA LEU B 431 13.04 21.97 -6.84
C LEU B 431 12.72 23.35 -7.38
N GLU B 432 11.55 23.89 -7.08
CA GLU B 432 11.20 25.19 -7.69
C GLU B 432 12.05 26.29 -7.08
N SER B 433 12.24 26.28 -5.77
CA SER B 433 12.98 27.36 -5.07
C SER B 433 14.47 27.32 -5.38
N ASN B 434 15.05 26.15 -5.55
CA ASN B 434 16.51 26.03 -5.75
C ASN B 434 16.81 25.87 -7.24
N GLN B 435 15.88 26.27 -8.11
CA GLN B 435 16.07 26.09 -9.57
C GLN B 435 17.05 27.10 -10.12
N GLN B 436 17.66 26.79 -11.26
CA GLN B 436 18.61 27.72 -11.90
C GLN B 436 18.29 27.77 -13.40
N LYS B 437 18.68 28.86 -14.07
CA LYS B 437 18.32 29.05 -15.49
C LYS B 437 18.82 27.89 -16.35
N ASP B 438 19.99 27.38 -16.03
CA ASP B 438 20.57 26.28 -16.84
C ASP B 438 19.62 25.09 -16.79
N GLY B 439 18.71 25.07 -15.81
CA GLY B 439 17.80 23.93 -15.64
C GLY B 439 18.29 23.05 -14.52
N SER B 440 19.47 23.38 -13.99
CA SER B 440 20.01 22.63 -12.83
C SER B 440 19.26 23.02 -11.57
N VAL B 441 19.24 22.13 -10.58
CA VAL B 441 18.62 22.47 -9.28
C VAL B 441 19.70 22.25 -8.22
N LEU B 442 19.85 23.18 -7.29
CA LEU B 442 20.94 23.08 -6.32
C LEU B 442 20.47 22.23 -5.14
N VAL B 443 21.24 21.22 -4.78
CA VAL B 443 20.90 20.36 -3.63
C VAL B 443 21.13 21.15 -2.36
N PRO B 444 20.15 21.21 -1.44
CA PRO B 444 20.30 21.97 -0.23
C PRO B 444 21.46 21.33 0.51
N PRO B 445 22.24 22.09 1.30
CA PRO B 445 23.43 21.54 1.90
C PRO B 445 23.17 20.31 2.79
N ALA B 446 22.10 20.33 3.56
CA ALA B 446 21.89 19.19 4.48
C ALA B 446 21.71 17.92 3.68
N LEU B 447 21.03 18.00 2.55
CA LEU B 447 20.70 16.77 1.77
C LEU B 447 21.87 16.43 0.83
N GLN B 448 22.93 17.23 0.86
CA GLN B 448 24.01 17.00 -0.12
C GLN B 448 24.62 15.62 0.06
N SER B 449 24.80 15.18 1.30
CA SER B 449 25.51 13.89 1.47
C SER B 449 24.70 12.78 0.82
N TYR B 450 23.40 12.77 1.07
CA TYR B 450 22.57 11.67 0.55
C TYR B 450 22.54 11.66 -0.97
N LEU B 451 22.32 12.83 -1.56
CA LEU B 451 22.28 12.93 -3.03
C LEU B 451 23.68 12.76 -3.64
N GLY B 452 24.71 13.16 -2.89
CA GLY B 452 26.10 13.02 -3.33
C GLY B 452 26.59 14.13 -4.24
N THR B 453 25.80 15.18 -4.38
CA THR B 453 26.17 16.26 -5.30
C THR B 453 25.59 17.56 -4.78
N ASP B 454 26.15 18.68 -5.21
CA ASP B 454 25.69 19.99 -4.77
C ASP B 454 24.64 20.49 -5.73
N ARG B 455 24.60 19.93 -6.91
CA ARG B 455 23.51 20.34 -7.82
C ARG B 455 23.11 19.17 -8.70
N ILE B 456 21.82 19.11 -9.02
CA ILE B 456 21.32 18.05 -9.94
C ILE B 456 21.44 18.61 -11.33
N THR B 457 22.12 17.89 -12.22
CA THR B 457 22.35 18.39 -13.59
C THR B 457 21.71 17.42 -14.58
N ALA B 458 21.84 17.68 -15.88
CA ALA B 458 21.17 16.85 -16.89
C ALA B 458 21.69 15.41 -16.85
N PRO B 459 20.81 14.40 -17.04
CA PRO B 459 21.20 13.00 -16.96
C PRO B 459 22.03 12.42 -18.12
N THR B 460 22.93 11.49 -17.81
CA THR B 460 23.74 10.80 -18.84
C THR B 460 22.86 9.93 -19.73
N HIS B 461 21.83 9.30 -19.17
CA HIS B 461 21.02 8.32 -19.95
C HIS B 461 20.17 9.01 -21.02
N VAL B 462 19.47 8.21 -21.82
CA VAL B 462 18.55 8.76 -22.85
C VAL B 462 17.13 8.54 -22.36
N PRO B 463 16.26 9.56 -22.36
CA PRO B 463 14.90 9.41 -21.87
C PRO B 463 14.14 8.34 -22.67
N LEU B 464 13.24 7.61 -22.01
CA LEU B 464 12.49 6.51 -22.67
C LEU B 464 11.60 7.05 -23.79
N GLN B 465 11.42 6.28 -24.86
CA GLN B 465 10.62 6.73 -26.02
C GLN B 465 9.39 5.83 -26.21
N TYR B 466 8.20 6.42 -26.37
CA TYR B 466 6.94 5.64 -26.49
C TYR B 466 6.89 4.84 -27.80
N ILE B 467 6.75 3.53 -27.70
CA ILE B 467 6.63 2.65 -28.90
C ILE B 467 5.16 2.33 -29.05
N GLY B 468 4.33 2.98 -28.27
CA GLY B 468 2.91 2.59 -28.20
C GLY B 468 2.04 2.93 -29.38
N PRO B 469 0.91 2.23 -29.50
CA PRO B 469 -0.04 2.49 -30.56
C PRO B 469 -0.70 3.87 -30.55
N ASN B 470 -0.97 4.44 -29.39
CA ASN B 470 -1.77 5.69 -29.33
C ASN B 470 -1.15 6.80 -30.17
N GLN B 471 0.17 6.81 -30.31
CA GLN B 471 0.85 7.81 -31.18
C GLN B 471 0.39 7.59 -32.64
N PRO B 472 0.04 8.65 -33.39
CA PRO B 472 -0.35 8.51 -34.78
C PRO B 472 0.79 8.84 -35.76
#